data_4QDG
#
_entry.id   4QDG
#
_cell.length_a   42.803
_cell.length_b   102.324
_cell.length_c   74.466
_cell.angle_alpha   90.000
_cell.angle_beta   98.350
_cell.angle_gamma   90.000
#
_symmetry.space_group_name_H-M   'P 1 21 1'
#
loop_
_entity.id
_entity.type
_entity.pdbx_description
1 polymer 'Putative adhesin'
2 non-polymer 'MAGNESIUM ION'
3 non-polymer 1,2-ETHANEDIOL
4 water water
#
_entity_poly.entity_id   1
_entity_poly.type   'polypeptide(L)'
_entity_poly.pdbx_seq_one_letter_code
;GERIYEDLAPCPHGVSLRFIYDYN(MSE)EYANAFAKKVDCLTLLVYDENGNYVDTRIVTGTELQDENYR(MSE)KLDLK
QGNYHFVAYGGLACNKSSFL(MSE)KYTPGEGTGYTDLQVELDSECLTNPRRKNLHGLYWGELTLATADLYSEGTVE
(MSE)(MSE)KNTNNIRVVLQQ(MSE)NGEPVDDKKFEFEITDDNILFSYDNNLLENG(MSE)VTYTPWAQGQASAGFTD
EGREVVVAYAELSTSRL(MSE)VRDWYSPKLTVRRKADGVEIINIPLINYLL(MSE)LKSDLYAS(MSE)DSQEFLDRES
EWS(MSE)IFFLSPNLEWIKTYIKINDWTVRINDIRQ
;
_entity_poly.pdbx_strand_id   A,B
#
loop_
_chem_comp.id
_chem_comp.type
_chem_comp.name
_chem_comp.formula
EDO non-polymer 1,2-ETHANEDIOL 'C2 H6 O2'
MG non-polymer 'MAGNESIUM ION' 'Mg 2'
#
# COMPACT_ATOMS: atom_id res chain seq x y z
N ASP A 7 -22.14 -7.40 -48.10
CA ASP A 7 -21.56 -7.14 -46.77
C ASP A 7 -22.49 -7.66 -45.69
N LEU A 8 -22.20 -7.32 -44.42
CA LEU A 8 -23.00 -7.80 -43.29
C LEU A 8 -23.53 -6.68 -42.42
N ALA A 9 -22.67 -5.74 -42.04
CA ALA A 9 -23.00 -4.72 -41.05
C ALA A 9 -22.82 -3.27 -41.52
N PRO A 10 -23.39 -2.26 -40.79
CA PRO A 10 -23.07 -0.87 -41.14
C PRO A 10 -21.60 -0.58 -40.83
N CYS A 11 -21.12 0.53 -41.33
CA CYS A 11 -19.78 1.00 -41.22
C CYS A 11 -19.22 0.91 -39.77
N PRO A 12 -17.97 0.41 -39.55
CA PRO A 12 -17.38 0.45 -38.19
C PRO A 12 -17.38 1.89 -37.63
N HIS A 13 -17.55 2.00 -36.33
CA HIS A 13 -17.68 3.30 -35.69
C HIS A 13 -16.90 3.36 -34.37
N GLY A 14 -16.22 4.48 -34.13
CA GLY A 14 -15.50 4.69 -32.89
C GLY A 14 -14.38 5.71 -32.93
N VAL A 15 -13.30 5.42 -32.20
CA VAL A 15 -12.12 6.29 -32.12
C VAL A 15 -10.88 5.47 -32.39
N SER A 16 -9.81 6.18 -32.74
CA SER A 16 -8.46 5.67 -32.98
C SER A 16 -7.52 6.60 -32.23
N LEU A 17 -6.96 6.12 -31.14
CA LEU A 17 -6.13 6.96 -30.29
C LEU A 17 -4.66 6.78 -30.44
N ARG A 18 -3.96 7.92 -30.53
CA ARG A 18 -2.49 8.02 -30.52
C ARG A 18 -2.09 8.49 -29.12
N PHE A 19 -0.99 7.96 -28.61
CA PHE A 19 -0.48 8.34 -27.29
C PHE A 19 0.91 8.94 -27.42
N ILE A 20 1.07 10.20 -26.99
CA ILE A 20 2.38 10.87 -27.10
C ILE A 20 2.85 11.37 -25.74
N TYR A 21 4.19 11.49 -25.57
CA TYR A 21 4.84 12.08 -24.39
C TYR A 21 5.91 13.04 -24.93
N ASP A 22 5.50 14.27 -25.24
CA ASP A 22 6.39 15.33 -25.71
C ASP A 22 6.53 16.45 -24.62
N TYR A 23 5.85 16.29 -23.44
CA TYR A 23 5.89 17.25 -22.32
C TYR A 23 7.18 17.10 -21.49
N ASN A 24 8.28 17.37 -22.15
CA ASN A 24 9.62 17.29 -21.62
C ASN A 24 10.42 18.49 -22.14
N MSE A 25 11.66 18.66 -21.67
CA MSE A 25 12.51 19.82 -22.00
C MSE A 25 13.01 19.76 -23.46
O MSE A 25 13.46 20.80 -23.98
CB MSE A 25 13.70 19.92 -21.01
CG MSE A 25 13.25 20.20 -19.57
SE MSE A 25 12.23 21.89 -19.33
CE MSE A 25 13.71 23.15 -19.30
N GLU A 26 12.89 18.60 -24.11
CA GLU A 26 13.28 18.40 -25.52
C GLU A 26 12.15 18.76 -26.45
N TYR A 27 10.92 18.91 -25.91
CA TYR A 27 9.71 19.20 -26.67
C TYR A 27 9.54 18.16 -27.82
N ALA A 28 9.92 16.91 -27.52
CA ALA A 28 9.89 15.84 -28.50
C ALA A 28 9.35 14.54 -27.90
N ASN A 29 8.56 13.81 -28.70
CA ASN A 29 7.90 12.57 -28.31
C ASN A 29 8.90 11.48 -27.93
N ALA A 30 8.73 10.95 -26.71
CA ALA A 30 9.56 9.90 -26.14
C ALA A 30 8.69 8.78 -25.61
N PHE A 31 7.39 8.75 -26.02
CA PHE A 31 6.43 7.74 -25.56
C PHE A 31 6.96 6.32 -25.80
N ALA A 32 7.42 6.01 -27.04
CA ALA A 32 7.91 4.69 -27.47
C ALA A 32 9.07 4.21 -26.61
N LYS A 33 9.96 5.09 -26.18
CA LYS A 33 11.09 4.67 -25.37
C LYS A 33 10.83 4.75 -23.88
N LYS A 34 9.80 5.50 -23.43
CA LYS A 34 9.57 5.64 -21.99
C LYS A 34 8.36 4.93 -21.44
N VAL A 35 7.25 4.79 -22.20
CA VAL A 35 6.02 4.18 -21.65
C VAL A 35 5.88 2.74 -22.12
N ASP A 36 6.12 1.79 -21.20
CA ASP A 36 6.14 0.33 -21.41
C ASP A 36 4.79 -0.36 -21.08
N CYS A 37 3.86 0.34 -20.42
CA CYS A 37 2.56 -0.20 -20.08
C CYS A 37 1.54 0.93 -20.07
N LEU A 38 0.39 0.67 -20.68
CA LEU A 38 -0.61 1.69 -20.85
C LEU A 38 -1.97 1.22 -20.33
N THR A 39 -2.63 2.11 -19.57
CA THR A 39 -3.96 1.88 -19.04
C THR A 39 -4.82 2.96 -19.66
N LEU A 40 -5.80 2.57 -20.45
CA LEU A 40 -6.70 3.53 -21.10
C LEU A 40 -8.14 3.32 -20.55
N LEU A 41 -8.72 4.38 -20.00
CA LEU A 41 -10.06 4.35 -19.41
C LEU A 41 -11.04 5.14 -20.27
N VAL A 42 -12.25 4.57 -20.47
CA VAL A 42 -13.30 5.15 -21.29
C VAL A 42 -14.44 5.57 -20.40
N TYR A 43 -14.84 6.83 -20.51
CA TYR A 43 -15.98 7.42 -19.82
C TYR A 43 -16.94 8.02 -20.84
N ASP A 44 -18.24 8.07 -20.52
CA ASP A 44 -19.19 8.72 -21.43
C ASP A 44 -19.16 10.25 -21.17
N GLU A 45 -20.03 11.00 -21.87
CA GLU A 45 -20.12 12.46 -21.78
C GLU A 45 -20.48 12.92 -20.36
N ASN A 46 -21.21 12.09 -19.58
CA ASN A 46 -21.61 12.42 -18.20
C ASN A 46 -20.55 12.02 -17.16
N GLY A 47 -19.48 11.39 -17.62
CA GLY A 47 -18.40 10.91 -16.78
C GLY A 47 -18.59 9.53 -16.19
N ASN A 48 -19.49 8.71 -16.73
CA ASN A 48 -19.69 7.36 -16.19
C ASN A 48 -18.79 6.35 -16.87
N TYR A 49 -18.21 5.45 -16.07
CA TYR A 49 -17.32 4.38 -16.53
C TYR A 49 -17.95 3.60 -17.68
N VAL A 50 -17.13 3.27 -18.71
CA VAL A 50 -17.59 2.51 -19.88
C VAL A 50 -16.70 1.28 -20.05
N ASP A 51 -15.36 1.48 -20.14
CA ASP A 51 -14.41 0.38 -20.35
C ASP A 51 -12.98 0.76 -19.98
N THR A 52 -12.13 -0.27 -19.90
CA THR A 52 -10.69 -0.19 -19.66
C THR A 52 -9.96 -1.07 -20.68
N ARG A 53 -8.87 -0.52 -21.21
CA ARG A 53 -7.96 -1.20 -22.14
CA ARG A 53 -7.98 -1.20 -22.14
C ARG A 53 -6.57 -1.16 -21.56
N ILE A 54 -5.92 -2.31 -21.45
CA ILE A 54 -4.57 -2.37 -20.90
C ILE A 54 -3.63 -2.88 -21.99
N VAL A 55 -2.51 -2.16 -22.22
CA VAL A 55 -1.51 -2.56 -23.23
C VAL A 55 -0.13 -2.67 -22.56
N THR A 56 0.50 -3.86 -22.62
CA THR A 56 1.81 -4.12 -22.01
C THR A 56 2.85 -4.66 -23.00
N GLY A 57 2.43 -4.98 -24.22
CA GLY A 57 3.30 -5.54 -25.26
C GLY A 57 4.35 -4.64 -25.89
N THR A 58 5.02 -5.18 -26.95
CA THR A 58 6.09 -4.52 -27.71
C THR A 58 5.52 -3.46 -28.67
N GLU A 59 4.20 -3.53 -28.96
CA GLU A 59 3.50 -2.61 -29.86
C GLU A 59 3.60 -1.16 -29.38
N LEU A 60 3.92 -0.94 -28.07
CA LEU A 60 4.04 0.40 -27.51
C LEU A 60 5.34 1.06 -27.94
N GLN A 61 6.31 0.27 -28.38
CA GLN A 61 7.61 0.74 -28.87
C GLN A 61 7.48 1.14 -30.34
N ASP A 62 6.37 0.79 -30.99
CA ASP A 62 6.12 1.19 -32.36
C ASP A 62 5.50 2.60 -32.35
N GLU A 63 6.13 3.57 -33.04
CA GLU A 63 5.65 4.95 -33.05
CA GLU A 63 5.70 4.98 -33.16
C GLU A 63 4.37 5.10 -33.89
N ASN A 64 4.08 4.11 -34.78
CA ASN A 64 2.85 4.06 -35.60
C ASN A 64 1.67 3.42 -34.82
N TYR A 65 1.86 3.04 -33.53
CA TYR A 65 0.83 2.44 -32.69
C TYR A 65 -0.37 3.36 -32.50
N ARG A 66 -1.56 2.78 -32.66
CA ARG A 66 -2.86 3.42 -32.46
CA ARG A 66 -2.83 3.46 -32.43
C ARG A 66 -3.80 2.47 -31.77
N MSE A 67 -4.64 2.96 -30.90
CA MSE A 67 -5.60 2.11 -30.24
C MSE A 67 -6.95 2.30 -30.90
O MSE A 67 -7.54 3.38 -30.79
CB MSE A 67 -5.69 2.39 -28.73
CG MSE A 67 -6.59 1.39 -28.01
SE MSE A 67 -6.91 1.90 -26.17
CE MSE A 67 -5.12 1.44 -25.45
N LYS A 68 -7.43 1.26 -31.60
CA LYS A 68 -8.71 1.26 -32.27
C LYS A 68 -9.78 0.86 -31.26
N LEU A 69 -10.79 1.71 -31.08
CA LEU A 69 -11.88 1.41 -30.16
C LEU A 69 -13.20 1.44 -30.87
N ASP A 70 -13.89 0.30 -30.91
CA ASP A 70 -15.24 0.21 -31.43
C ASP A 70 -16.18 0.73 -30.34
N LEU A 71 -16.91 1.82 -30.62
CA LEU A 71 -17.77 2.45 -29.64
C LEU A 71 -19.09 2.88 -30.25
N LYS A 72 -20.14 2.84 -29.43
CA LYS A 72 -21.47 3.34 -29.76
C LYS A 72 -21.34 4.86 -30.01
N GLN A 73 -21.96 5.39 -31.11
CA GLN A 73 -21.91 6.81 -31.46
CA GLN A 73 -21.92 6.82 -31.47
C GLN A 73 -22.06 7.69 -30.21
N GLY A 74 -21.15 8.64 -30.05
CA GLY A 74 -21.19 9.56 -28.91
C GLY A 74 -19.92 10.34 -28.64
N ASN A 75 -19.99 11.20 -27.62
CA ASN A 75 -18.85 12.02 -27.20
C ASN A 75 -18.28 11.37 -25.94
N TYR A 76 -16.99 10.97 -25.97
CA TYR A 76 -16.34 10.26 -24.85
C TYR A 76 -15.18 11.02 -24.27
N HIS A 77 -14.83 10.71 -22.99
CA HIS A 77 -13.68 11.28 -22.30
C HIS A 77 -12.75 10.13 -21.92
N PHE A 78 -11.52 10.18 -22.43
CA PHE A 78 -10.51 9.13 -22.25
C PHE A 78 -9.43 9.54 -21.28
N VAL A 79 -9.04 8.64 -20.40
CA VAL A 79 -7.96 8.90 -19.46
C VAL A 79 -6.90 7.86 -19.67
N ALA A 80 -5.65 8.29 -19.88
CA ALA A 80 -4.52 7.37 -20.07
C ALA A 80 -3.54 7.45 -18.93
N TYR A 81 -3.04 6.27 -18.53
CA TYR A 81 -1.99 6.16 -17.51
C TYR A 81 -0.88 5.33 -18.06
N GLY A 82 0.33 5.77 -17.79
CA GLY A 82 1.54 5.03 -18.12
C GLY A 82 2.22 4.63 -16.83
N GLY A 83 2.67 3.38 -16.74
CA GLY A 83 3.37 2.91 -15.56
C GLY A 83 2.52 2.38 -14.42
N LEU A 84 1.24 2.09 -14.68
CA LEU A 84 0.29 1.55 -13.72
C LEU A 84 0.05 0.06 -13.92
N ALA A 85 0.13 -0.43 -15.17
CA ALA A 85 -0.24 -1.79 -15.61
C ALA A 85 0.82 -2.87 -15.39
N CYS A 86 2.10 -2.64 -15.74
CA CYS A 86 3.10 -3.71 -15.61
C CYS A 86 3.46 -4.00 -14.13
N ASN A 87 4.16 -5.14 -13.91
CA ASN A 87 4.59 -5.61 -12.58
C ASN A 87 5.66 -4.68 -11.93
N LYS A 88 6.36 -3.86 -12.73
CA LYS A 88 7.39 -2.91 -12.26
C LYS A 88 6.77 -1.69 -11.51
N SER A 89 5.47 -1.40 -11.75
CA SER A 89 4.71 -0.27 -11.22
C SER A 89 4.98 0.10 -9.75
N SER A 90 5.04 1.40 -9.48
CA SER A 90 5.24 1.94 -8.14
C SER A 90 3.91 2.53 -7.59
N PHE A 91 2.89 2.74 -8.46
CA PHE A 91 1.63 3.35 -8.05
C PHE A 91 0.44 2.41 -8.23
N LEU A 92 -0.68 2.74 -7.57
CA LEU A 92 -1.90 1.93 -7.65
C LEU A 92 -3.13 2.78 -7.85
N MSE A 93 -4.09 2.27 -8.62
CA MSE A 93 -5.39 2.89 -8.77
C MSE A 93 -6.13 2.66 -7.49
O MSE A 93 -6.07 1.58 -6.92
CB MSE A 93 -6.14 2.31 -9.96
CG MSE A 93 -6.23 3.25 -11.10
SE MSE A 93 -6.78 2.26 -12.65
CE MSE A 93 -6.44 3.60 -13.91
N LYS A 94 -6.78 3.69 -7.00
CA LYS A 94 -7.49 3.68 -5.73
C LYS A 94 -8.93 4.15 -5.91
N TYR A 95 -9.87 3.31 -5.53
CA TYR A 95 -11.31 3.63 -5.57
C TYR A 95 -11.80 3.66 -4.14
N THR A 96 -12.69 4.61 -3.83
CA THR A 96 -13.21 4.74 -2.47
C THR A 96 -14.43 3.80 -2.33
N PRO A 97 -14.35 2.79 -1.41
CA PRO A 97 -15.51 1.90 -1.20
C PRO A 97 -16.77 2.72 -0.89
N GLY A 98 -17.86 2.38 -1.59
CA GLY A 98 -19.15 3.06 -1.47
C GLY A 98 -19.38 4.10 -2.53
N GLU A 99 -18.28 4.75 -2.98
CA GLU A 99 -18.33 5.78 -4.02
C GLU A 99 -18.26 5.11 -5.42
N GLY A 100 -18.60 5.86 -6.47
CA GLY A 100 -18.66 5.37 -7.84
C GLY A 100 -17.35 4.97 -8.49
N THR A 101 -17.43 4.68 -9.79
CA THR A 101 -16.29 4.29 -10.62
C THR A 101 -16.13 5.28 -11.78
N GLY A 102 -16.83 6.41 -11.67
CA GLY A 102 -16.83 7.46 -12.68
C GLY A 102 -15.53 8.25 -12.77
N TYR A 103 -15.43 9.06 -13.83
CA TYR A 103 -14.27 9.92 -14.12
C TYR A 103 -13.73 10.63 -12.87
N THR A 104 -14.61 11.27 -12.10
CA THR A 104 -14.23 12.09 -10.94
C THR A 104 -13.97 11.26 -9.65
N ASP A 105 -14.15 9.93 -9.71
CA ASP A 105 -13.95 9.06 -8.55
C ASP A 105 -12.56 8.39 -8.56
N LEU A 106 -11.81 8.54 -9.62
CA LEU A 106 -10.51 7.94 -9.65
C LEU A 106 -9.44 8.75 -8.90
N GLN A 107 -8.63 7.98 -8.16
CA GLN A 107 -7.45 8.36 -7.44
C GLN A 107 -6.35 7.36 -7.75
N VAL A 108 -5.08 7.83 -7.76
CA VAL A 108 -3.85 7.05 -7.91
C VAL A 108 -2.95 7.39 -6.71
N GLU A 109 -2.48 6.36 -6.02
CA GLU A 109 -1.63 6.54 -4.86
C GLU A 109 -0.35 5.75 -5.01
N LEU A 110 0.76 6.25 -4.45
CA LEU A 110 2.01 5.49 -4.42
C LEU A 110 1.86 4.31 -3.47
N ASP A 111 2.38 3.15 -3.86
CA ASP A 111 2.48 1.98 -3.00
C ASP A 111 3.52 2.34 -1.93
N SER A 112 3.09 2.44 -0.66
CA SER A 112 3.93 2.83 0.50
C SER A 112 5.22 1.99 0.67
N GLU A 113 5.21 0.75 0.15
CA GLU A 113 6.35 -0.18 0.22
C GLU A 113 7.56 0.35 -0.55
N CYS A 114 7.32 1.23 -1.55
CA CYS A 114 8.36 1.91 -2.35
C CYS A 114 9.16 2.91 -1.53
N LEU A 115 8.60 3.44 -0.42
CA LEU A 115 9.33 4.42 0.37
C LEU A 115 10.44 3.75 1.18
N THR A 116 10.19 2.50 1.64
CA THR A 116 11.10 1.78 2.53
C THR A 116 11.87 0.62 1.89
N ASN A 117 11.29 -0.14 0.91
CA ASN A 117 12.03 -1.25 0.33
C ASN A 117 13.17 -0.71 -0.59
N PRO A 118 14.46 -0.95 -0.24
CA PRO A 118 15.57 -0.38 -1.06
C PRO A 118 15.54 -0.76 -2.52
N ARG A 119 15.00 -1.94 -2.84
CA ARG A 119 14.88 -2.49 -4.18
C ARG A 119 13.69 -1.85 -4.93
N ARG A 120 12.82 -1.10 -4.23
CA ARG A 120 11.66 -0.43 -4.84
C ARG A 120 11.69 1.12 -4.72
N LYS A 121 12.73 1.69 -4.05
CA LYS A 121 12.82 3.14 -3.84
C LYS A 121 12.91 3.93 -5.15
N ASN A 122 13.62 3.39 -6.16
CA ASN A 122 13.73 4.04 -7.46
C ASN A 122 12.39 3.80 -8.19
N LEU A 123 11.53 4.81 -8.21
CA LEU A 123 10.15 4.70 -8.70
C LEU A 123 10.07 4.53 -10.20
N HIS A 124 9.16 3.64 -10.60
CA HIS A 124 8.83 3.38 -12.01
C HIS A 124 8.03 4.59 -12.51
N GLY A 125 8.41 5.11 -13.67
CA GLY A 125 7.76 6.26 -14.29
C GLY A 125 6.24 6.21 -14.28
N LEU A 126 5.61 7.32 -13.89
CA LEU A 126 4.16 7.44 -13.88
C LEU A 126 3.80 8.53 -14.87
N TYR A 127 2.93 8.18 -15.83
CA TYR A 127 2.51 9.09 -16.90
C TYR A 127 1.01 9.24 -16.90
N TRP A 128 0.53 10.43 -17.30
CA TRP A 128 -0.88 10.75 -17.32
C TRP A 128 -1.22 11.72 -18.43
N GLY A 129 -2.41 11.54 -18.99
CA GLY A 129 -3.01 12.40 -19.99
C GLY A 129 -4.49 12.09 -20.12
N GLU A 130 -5.26 13.03 -20.70
CA GLU A 130 -6.69 12.82 -20.95
C GLU A 130 -7.13 13.54 -22.24
N LEU A 131 -8.28 13.12 -22.81
CA LEU A 131 -8.82 13.68 -24.03
C LEU A 131 -10.32 13.43 -24.14
N THR A 132 -11.06 14.46 -24.60
CA THR A 132 -12.50 14.36 -24.91
C THR A 132 -12.58 14.27 -26.43
N LEU A 133 -13.28 13.24 -26.93
CA LEU A 133 -13.35 13.05 -28.38
C LEU A 133 -14.65 12.36 -28.78
N ALA A 134 -15.30 12.91 -29.82
CA ALA A 134 -16.51 12.34 -30.37
C ALA A 134 -16.12 11.25 -31.38
N THR A 135 -16.92 10.19 -31.44
CA THR A 135 -16.69 9.07 -32.35
C THR A 135 -17.04 9.46 -33.78
N ALA A 136 -16.53 8.70 -34.75
CA ALA A 136 -16.84 8.90 -36.14
C ALA A 136 -16.93 7.56 -36.86
N ASP A 137 -17.57 7.56 -38.04
CA ASP A 137 -17.59 6.41 -38.92
C ASP A 137 -16.16 6.19 -39.39
N LEU A 138 -15.67 4.93 -39.28
CA LEU A 138 -14.31 4.55 -39.65
C LEU A 138 -13.24 5.22 -38.74
N TYR A 139 -13.63 5.42 -37.46
CA TYR A 139 -12.84 5.90 -36.32
C TYR A 139 -12.29 7.32 -36.46
N SER A 140 -12.72 8.22 -35.54
CA SER A 140 -12.17 9.58 -35.46
C SER A 140 -10.78 9.47 -34.86
N GLU A 141 -9.88 10.38 -35.23
CA GLU A 141 -8.53 10.31 -34.70
C GLU A 141 -8.36 11.32 -33.59
N GLY A 142 -7.63 10.92 -32.56
CA GLY A 142 -7.33 11.77 -31.42
C GLY A 142 -6.02 11.40 -30.76
N THR A 143 -5.33 12.40 -30.21
CA THR A 143 -4.04 12.21 -29.55
C THR A 143 -4.14 12.53 -28.08
N VAL A 144 -3.70 11.58 -27.23
CA VAL A 144 -3.65 11.75 -25.79
C VAL A 144 -2.23 12.19 -25.48
N GLU A 145 -2.10 13.45 -25.11
CA GLU A 145 -0.85 14.09 -24.78
C GLU A 145 -0.57 13.85 -23.31
N MSE A 146 0.52 13.15 -23.03
CA MSE A 146 0.80 12.75 -21.66
C MSE A 146 1.97 13.48 -21.00
O MSE A 146 2.86 14.02 -21.68
CB MSE A 146 1.03 11.26 -21.63
CG MSE A 146 -0.24 10.53 -22.06
SE MSE A 146 0.06 8.69 -22.15
CE MSE A 146 -0.16 8.26 -20.25
N MSE A 147 1.93 13.51 -19.66
CA MSE A 147 2.99 14.11 -18.86
C MSE A 147 3.56 13.09 -17.90
O MSE A 147 2.91 12.11 -17.63
CB MSE A 147 2.52 15.36 -18.12
CG MSE A 147 1.47 15.12 -17.04
SE MSE A 147 1.43 16.65 -15.84
CE MSE A 147 2.69 16.02 -14.69
N LYS A 148 4.79 13.32 -17.42
CA LYS A 148 5.50 12.45 -16.49
C LYS A 148 5.31 13.02 -15.06
N ASN A 149 4.88 12.18 -14.11
CA ASN A 149 4.63 12.60 -12.72
C ASN A 149 5.79 12.34 -11.79
N THR A 150 6.76 11.47 -12.19
CA THR A 150 7.86 11.13 -11.30
C THR A 150 9.10 11.97 -11.62
N ASN A 151 10.01 12.08 -10.64
CA ASN A 151 11.23 12.85 -10.71
C ASN A 151 12.39 12.14 -10.09
N ASN A 152 13.57 12.45 -10.57
CA ASN A 152 14.83 11.95 -10.02
C ASN A 152 15.65 13.16 -9.66
N ILE A 153 16.09 13.24 -8.41
CA ILE A 153 16.89 14.35 -7.90
C ILE A 153 18.23 13.78 -7.40
N ARG A 154 19.33 14.22 -8.04
CA ARG A 154 20.68 13.83 -7.66
CA ARG A 154 20.70 13.85 -7.68
C ARG A 154 21.27 15.00 -6.86
N VAL A 155 21.55 14.77 -5.57
CA VAL A 155 22.11 15.74 -4.66
C VAL A 155 23.59 15.46 -4.54
N VAL A 156 24.44 16.48 -4.80
CA VAL A 156 25.88 16.35 -4.73
C VAL A 156 26.46 17.30 -3.66
N LEU A 157 27.38 16.77 -2.82
CA LEU A 157 28.11 17.54 -1.82
C LEU A 157 29.56 17.59 -2.29
N GLN A 158 30.06 18.81 -2.53
CA GLN A 158 31.40 19.04 -3.06
C GLN A 158 32.17 20.05 -2.23
N GLN A 159 33.40 19.73 -1.86
CA GLN A 159 34.20 20.73 -1.12
C GLN A 159 34.72 21.76 -2.08
N MSE A 160 34.57 23.04 -1.71
CA MSE A 160 35.05 24.20 -2.46
C MSE A 160 36.56 24.10 -2.72
O MSE A 160 37.01 24.42 -3.82
CB MSE A 160 34.74 25.47 -1.69
CG MSE A 160 34.85 26.71 -2.52
SE MSE A 160 35.00 28.29 -1.41
CE MSE A 160 36.87 28.11 -0.91
N ASN A 161 37.35 23.65 -1.71
CA ASN A 161 38.81 23.51 -1.84
C ASN A 161 39.21 22.25 -2.63
N GLY A 162 38.27 21.33 -2.85
CA GLY A 162 38.54 20.11 -3.61
C GLY A 162 38.88 18.87 -2.79
N GLU A 163 38.92 18.99 -1.47
CA GLU A 163 39.16 17.85 -0.57
C GLU A 163 37.93 16.90 -0.60
N PRO A 164 38.09 15.58 -0.32
CA PRO A 164 36.94 14.67 -0.47
C PRO A 164 35.75 14.92 0.48
N VAL A 165 34.57 14.39 0.09
CA VAL A 165 33.34 14.40 0.87
C VAL A 165 32.91 12.93 0.98
N ASP A 166 32.81 12.42 2.22
CA ASP A 166 32.39 11.05 2.46
C ASP A 166 30.88 11.02 2.58
N ASP A 167 30.22 10.37 1.62
CA ASP A 167 28.75 10.27 1.59
C ASP A 167 28.17 9.60 2.84
N LYS A 168 28.94 8.67 3.43
CA LYS A 168 28.54 7.87 4.59
C LYS A 168 28.39 8.74 5.84
N LYS A 169 28.91 9.97 5.82
CA LYS A 169 28.79 10.89 6.94
C LYS A 169 27.44 11.61 6.95
N PHE A 170 26.61 11.41 5.88
CA PHE A 170 25.37 12.16 5.68
C PHE A 170 24.15 11.34 5.35
N GLU A 171 23.01 11.87 5.79
CA GLU A 171 21.67 11.38 5.55
C GLU A 171 20.99 12.41 4.67
N PHE A 172 20.31 11.94 3.62
CA PHE A 172 19.62 12.78 2.65
C PHE A 172 18.15 12.45 2.66
N GLU A 173 17.29 13.49 2.70
CA GLU A 173 15.84 13.30 2.74
C GLU A 173 15.12 14.34 1.93
N ILE A 174 13.95 13.94 1.43
CA ILE A 174 13.00 14.84 0.80
C ILE A 174 11.69 14.57 1.50
N THR A 175 11.16 15.59 2.19
CA THR A 175 9.84 15.49 2.80
C THR A 175 8.87 16.21 1.86
N ASP A 176 7.72 15.59 1.63
CA ASP A 176 6.68 16.13 0.75
C ASP A 176 5.37 15.47 1.07
N ASP A 177 4.27 16.01 0.53
CA ASP A 177 2.96 15.43 0.64
C ASP A 177 2.43 15.35 -0.80
N ASN A 178 2.94 14.36 -1.55
CA ASN A 178 2.62 14.28 -2.98
C ASN A 178 2.41 12.86 -3.51
N ILE A 179 1.94 11.91 -2.69
CA ILE A 179 1.81 10.52 -3.15
C ILE A 179 0.36 10.13 -3.51
N LEU A 180 -0.60 11.07 -3.37
CA LEU A 180 -2.01 10.84 -3.72
C LEU A 180 -2.46 11.81 -4.80
N PHE A 181 -2.92 11.27 -5.93
CA PHE A 181 -3.42 12.08 -7.05
C PHE A 181 -4.94 11.99 -7.17
N SER A 182 -5.61 13.13 -7.45
CA SER A 182 -7.04 13.11 -7.76
C SER A 182 -7.18 12.77 -9.26
N TYR A 183 -8.43 12.70 -9.75
CA TYR A 183 -8.79 12.34 -11.12
C TYR A 183 -8.15 13.24 -12.18
N ASP A 184 -7.92 14.52 -11.87
CA ASP A 184 -7.37 15.51 -12.78
C ASP A 184 -5.85 15.64 -12.67
N ASN A 185 -5.19 14.65 -12.03
CA ASN A 185 -3.76 14.53 -11.82
C ASN A 185 -3.21 15.57 -10.78
N ASN A 186 -4.11 16.34 -10.14
CA ASN A 186 -3.67 17.25 -9.10
C ASN A 186 -3.36 16.44 -7.81
N LEU A 187 -2.50 16.99 -6.92
CA LEU A 187 -2.19 16.29 -5.67
C LEU A 187 -3.26 16.52 -4.64
N LEU A 188 -3.52 15.50 -3.83
CA LEU A 188 -4.47 15.53 -2.72
C LEU A 188 -3.71 15.41 -1.40
N GLU A 189 -3.98 16.29 -0.42
CA GLU A 189 -3.32 16.25 0.89
C GLU A 189 -3.58 14.91 1.59
N ASN A 190 -2.51 14.16 1.89
CA ASN A 190 -2.62 12.81 2.44
C ASN A 190 -1.67 12.57 3.63
N GLY A 191 -0.90 13.57 4.00
CA GLY A 191 0.08 13.50 5.07
C GLY A 191 1.49 13.38 4.50
N MSE A 192 2.45 14.00 5.19
CA MSE A 192 3.84 14.04 4.83
C MSE A 192 4.45 12.64 4.70
O MSE A 192 4.16 11.74 5.50
CB MSE A 192 4.62 14.84 5.87
CG MSE A 192 6.07 15.07 5.51
SE MSE A 192 7.14 15.65 7.03
CE MSE A 192 7.42 13.86 7.92
N VAL A 193 5.29 12.47 3.69
CA VAL A 193 6.09 11.25 3.45
C VAL A 193 7.54 11.68 3.43
N THR A 194 8.45 10.76 3.75
CA THR A 194 9.87 10.99 3.71
C THR A 194 10.47 10.08 2.61
N TYR A 195 11.14 10.69 1.64
CA TYR A 195 11.88 9.96 0.62
C TYR A 195 13.33 9.88 1.07
N THR A 196 13.96 8.72 0.88
CA THR A 196 15.39 8.53 1.19
C THR A 196 16.07 8.05 -0.11
N PRO A 197 17.41 8.15 -0.23
CA PRO A 197 18.06 7.77 -1.51
C PRO A 197 17.96 6.28 -1.89
N TRP A 198 17.78 6.04 -3.19
CA TRP A 198 17.75 4.73 -3.80
C TRP A 198 19.21 4.35 -4.19
N ALA A 199 20.09 5.35 -4.29
CA ALA A 199 21.52 5.26 -4.57
C ALA A 199 22.25 6.37 -3.85
N GLN A 200 23.43 6.06 -3.32
CA GLN A 200 24.28 6.98 -2.57
C GLN A 200 25.72 6.46 -2.67
N GLY A 201 26.67 7.37 -2.76
CA GLY A 201 28.08 7.03 -2.87
C GLY A 201 28.96 8.22 -3.11
N GLN A 202 30.10 7.95 -3.73
CA GLN A 202 31.08 8.94 -4.09
C GLN A 202 31.27 8.95 -5.59
N ALA A 203 31.60 10.13 -6.15
CA ALA A 203 31.87 10.29 -7.59
C ALA A 203 33.05 11.21 -7.79
N SER A 204 33.62 11.19 -8.99
CA SER A 204 34.76 12.02 -9.40
C SER A 204 34.26 13.32 -10.04
N ALA A 205 34.85 14.46 -9.65
CA ALA A 205 34.55 15.77 -10.22
C ALA A 205 35.81 16.32 -10.94
N GLY A 206 36.70 15.41 -11.34
CA GLY A 206 37.92 15.81 -12.03
C GLY A 206 39.09 15.97 -11.08
N PHE A 207 40.07 16.78 -11.48
CA PHE A 207 41.31 17.01 -10.76
C PHE A 207 41.62 18.46 -10.52
N THR A 208 42.35 18.75 -9.43
CA THR A 208 42.84 20.08 -9.11
C THR A 208 44.16 20.30 -9.89
N ASP A 209 44.62 21.56 -9.97
CA ASP A 209 45.89 21.95 -10.62
C ASP A 209 47.11 21.31 -9.92
N GLU A 210 46.88 20.64 -8.75
CA GLU A 210 47.90 19.92 -7.98
C GLU A 210 47.85 18.42 -8.28
N GLY A 211 47.04 18.03 -9.27
CA GLY A 211 46.86 16.65 -9.69
C GLY A 211 46.05 15.77 -8.75
N ARG A 212 45.31 16.41 -7.82
CA ARG A 212 44.50 15.72 -6.82
C ARG A 212 43.08 15.53 -7.34
N GLU A 213 42.54 14.30 -7.22
CA GLU A 213 41.18 14.02 -7.66
C GLU A 213 40.19 14.65 -6.70
N VAL A 214 39.13 15.28 -7.25
CA VAL A 214 38.05 15.88 -6.48
C VAL A 214 36.97 14.80 -6.34
N VAL A 215 36.73 14.36 -5.11
CA VAL A 215 35.77 13.29 -4.79
C VAL A 215 34.60 13.92 -4.07
N VAL A 216 33.43 13.74 -4.67
CA VAL A 216 32.20 14.30 -4.16
C VAL A 216 31.32 13.19 -3.61
N ALA A 217 30.36 13.57 -2.78
CA ALA A 217 29.33 12.68 -2.24
C ALA A 217 28.08 12.88 -3.08
N TYR A 218 27.32 11.82 -3.32
CA TYR A 218 26.07 11.97 -4.07
C TYR A 218 25.01 11.09 -3.45
N ALA A 219 23.75 11.48 -3.65
CA ALA A 219 22.54 10.77 -3.30
C ALA A 219 21.48 10.97 -4.41
N GLU A 220 20.88 9.88 -4.86
CA GLU A 220 19.83 9.91 -5.86
C GLU A 220 18.50 9.64 -5.16
N LEU A 221 17.54 10.56 -5.27
CA LEU A 221 16.22 10.40 -4.65
C LEU A 221 15.16 10.44 -5.75
N SER A 222 14.19 9.55 -5.66
CA SER A 222 13.13 9.35 -6.65
C SER A 222 11.79 9.73 -5.99
N THR A 223 11.08 10.72 -6.55
CA THR A 223 9.87 11.22 -5.90
C THR A 223 8.68 11.26 -6.85
N SER A 224 7.52 11.56 -6.29
CA SER A 224 6.30 11.75 -7.05
C SER A 224 6.29 13.23 -7.57
N ARG A 225 5.13 13.75 -7.98
CA ARG A 225 5.00 15.06 -8.62
C ARG A 225 5.43 16.26 -7.75
N LEU A 226 6.24 17.14 -8.37
CA LEU A 226 6.69 18.40 -7.79
C LEU A 226 5.71 19.50 -8.23
N MSE A 227 4.98 20.08 -7.27
CA MSE A 227 3.99 21.12 -7.54
C MSE A 227 4.13 22.33 -6.63
O MSE A 227 4.35 22.17 -5.44
CB MSE A 227 2.55 20.59 -7.36
CG MSE A 227 2.17 19.51 -8.35
SE MSE A 227 0.25 19.25 -8.48
CE MSE A 227 -0.26 20.82 -9.68
N VAL A 228 3.89 23.52 -7.18
CA VAL A 228 3.76 24.74 -6.38
C VAL A 228 2.30 24.73 -5.86
N ARG A 229 2.11 24.72 -4.55
CA ARG A 229 0.76 24.79 -3.95
C ARG A 229 0.88 25.47 -2.60
N ASP A 230 -0.21 26.05 -2.11
CA ASP A 230 -0.11 26.80 -0.85
C ASP A 230 -0.21 25.88 0.40
N TRP A 231 -0.55 24.57 0.24
CA TRP A 231 -0.70 23.68 1.40
C TRP A 231 0.53 22.82 1.71
N TYR A 232 1.54 22.77 0.83
CA TYR A 232 2.77 22.05 1.15
C TYR A 232 3.96 22.69 0.46
N SER A 233 5.05 22.79 1.22
CA SER A 233 6.33 23.32 0.78
C SER A 233 7.37 22.18 0.92
N PRO A 234 7.59 21.38 -0.16
CA PRO A 234 8.55 20.27 -0.06
C PRO A 234 9.96 20.72 0.37
N LYS A 235 10.59 19.88 1.21
CA LYS A 235 11.90 20.18 1.75
CA LYS A 235 11.89 20.17 1.77
C LYS A 235 12.97 19.16 1.36
N LEU A 236 14.20 19.67 1.09
CA LEU A 236 15.38 18.84 0.86
C LEU A 236 16.21 19.02 2.13
N THR A 237 16.56 17.90 2.78
CA THR A 237 17.34 17.97 4.04
C THR A 237 18.59 17.11 3.94
N VAL A 238 19.73 17.68 4.38
CA VAL A 238 21.02 16.98 4.40
C VAL A 238 21.54 17.09 5.85
N ARG A 239 21.67 15.94 6.52
CA ARG A 239 22.06 15.88 7.92
C ARG A 239 23.35 15.12 8.14
N ARG A 240 24.28 15.69 8.96
CA ARG A 240 25.51 15.00 9.38
C ARG A 240 25.10 13.94 10.40
N LYS A 241 25.35 12.64 10.12
CA LYS A 241 24.97 11.51 10.98
C LYS A 241 25.53 11.60 12.43
N ALA A 242 26.81 11.94 12.57
CA ALA A 242 27.55 12.00 13.84
C ALA A 242 26.94 12.94 14.90
N ASP A 243 26.58 14.18 14.53
CA ASP A 243 26.05 15.17 15.49
C ASP A 243 24.60 15.56 15.19
N GLY A 244 24.01 14.95 14.17
CA GLY A 244 22.61 15.20 13.78
C GLY A 244 22.33 16.60 13.28
N VAL A 245 23.38 17.37 12.91
CA VAL A 245 23.22 18.74 12.40
C VAL A 245 22.73 18.70 10.97
N GLU A 246 21.68 19.49 10.70
CA GLU A 246 21.14 19.59 9.34
C GLU A 246 21.84 20.73 8.65
N ILE A 247 22.83 20.42 7.82
CA ILE A 247 23.68 21.40 7.13
C ILE A 247 22.91 22.08 5.98
N ILE A 248 21.94 21.36 5.38
CA ILE A 248 21.06 21.83 4.31
C ILE A 248 19.61 21.47 4.68
N ASN A 249 18.72 22.46 4.60
CA ASN A 249 17.29 22.35 4.88
C ASN A 249 16.62 23.45 4.13
N ILE A 250 16.23 23.14 2.89
CA ILE A 250 15.71 24.16 2.00
C ILE A 250 14.35 23.85 1.43
N PRO A 251 13.60 24.89 1.01
CA PRO A 251 12.36 24.61 0.25
C PRO A 251 12.79 24.27 -1.18
N LEU A 252 12.80 22.96 -1.46
CA LEU A 252 13.22 22.33 -2.70
C LEU A 252 12.65 22.98 -3.98
N ILE A 253 11.34 23.28 -4.02
CA ILE A 253 10.67 23.82 -5.20
C ILE A 253 11.15 25.25 -5.52
N ASN A 254 11.28 26.09 -4.49
CA ASN A 254 11.81 27.45 -4.60
C ASN A 254 13.21 27.49 -5.19
N TYR A 255 14.06 26.54 -4.77
CA TYR A 255 15.45 26.43 -5.23
C TYR A 255 15.47 26.00 -6.69
N LEU A 256 14.61 25.06 -7.10
CA LEU A 256 14.58 24.63 -8.52
C LEU A 256 14.06 25.74 -9.42
N LEU A 257 13.12 26.53 -8.92
CA LEU A 257 12.52 27.62 -9.67
C LEU A 257 13.54 28.77 -9.81
N MSE A 258 14.67 28.77 -9.04
CA MSE A 258 15.73 29.78 -9.25
C MSE A 258 16.45 29.47 -10.58
O MSE A 258 16.97 30.38 -11.21
CB MSE A 258 16.75 29.89 -8.10
CG MSE A 258 16.18 30.37 -6.79
SE MSE A 258 17.43 29.93 -5.31
CE MSE A 258 16.20 30.46 -3.74
N LEU A 259 16.44 28.18 -11.02
CA LEU A 259 17.00 27.82 -12.31
C LEU A 259 16.04 28.31 -13.42
N LYS A 260 14.72 28.14 -13.22
CA LYS A 260 13.73 28.59 -14.18
C LYS A 260 13.80 30.11 -14.37
N SER A 261 13.89 30.87 -13.28
CA SER A 261 13.95 32.34 -13.32
C SER A 261 15.17 32.83 -14.11
N ASP A 262 16.27 32.08 -14.08
CA ASP A 262 17.50 32.36 -14.79
C ASP A 262 17.44 31.99 -16.27
N LEU A 263 17.05 30.75 -16.59
CA LEU A 263 17.15 30.30 -17.97
C LEU A 263 15.84 30.18 -18.71
N TYR A 264 14.70 30.09 -18.01
CA TYR A 264 13.41 29.85 -18.67
C TYR A 264 12.35 30.77 -18.06
N ALA A 265 12.66 32.06 -17.93
CA ALA A 265 11.80 33.06 -17.27
C ALA A 265 10.36 33.14 -17.84
N SER A 266 10.15 32.85 -19.14
CA SER A 266 8.80 32.92 -19.75
C SER A 266 8.01 31.64 -19.56
N MSE A 267 8.68 30.58 -19.12
CA MSE A 267 8.04 29.29 -18.89
C MSE A 267 7.20 29.33 -17.60
O MSE A 267 7.59 29.95 -16.59
CB MSE A 267 9.06 28.14 -18.86
CG MSE A 267 8.42 26.77 -19.02
SE MSE A 267 9.67 25.28 -18.97
CE MSE A 267 10.70 25.66 -20.68
N ASP A 268 6.05 28.65 -17.64
CA ASP A 268 5.19 28.52 -16.48
C ASP A 268 5.92 27.66 -15.43
N SER A 269 5.82 28.05 -14.14
CA SER A 269 6.51 27.36 -13.03
C SER A 269 6.14 25.86 -12.96
N GLN A 270 4.84 25.55 -13.02
CA GLN A 270 4.35 24.16 -12.99
C GLN A 270 4.80 23.36 -14.22
N GLU A 271 4.78 23.99 -15.41
CA GLU A 271 5.24 23.40 -16.68
C GLU A 271 6.70 22.98 -16.59
N PHE A 272 7.54 23.84 -16.01
CA PHE A 272 8.97 23.59 -15.76
C PHE A 272 9.11 22.40 -14.81
N LEU A 273 8.33 22.40 -13.71
CA LEU A 273 8.40 21.29 -12.73
C LEU A 273 7.89 19.98 -13.32
N ASP A 274 6.98 20.04 -14.33
CA ASP A 274 6.48 18.83 -14.99
C ASP A 274 7.35 18.42 -16.15
N ARG A 275 7.81 19.36 -17.00
CA ARG A 275 8.64 19.01 -18.18
C ARG A 275 10.01 18.41 -17.79
N GLU A 276 10.62 18.91 -16.72
CA GLU A 276 11.89 18.41 -16.27
C GLU A 276 11.67 17.32 -15.24
N SER A 277 12.28 16.15 -15.47
CA SER A 277 12.14 15.01 -14.55
C SER A 277 13.51 14.51 -14.01
N GLU A 278 14.60 15.03 -14.56
CA GLU A 278 15.96 14.66 -14.20
C GLU A 278 16.61 15.89 -13.64
N TRP A 279 16.85 15.90 -12.32
CA TRP A 279 17.40 17.06 -11.60
C TRP A 279 18.70 16.74 -10.94
N SER A 280 19.58 17.73 -10.85
CA SER A 280 20.85 17.57 -10.14
C SER A 280 21.17 18.85 -9.42
N MSE A 281 21.65 18.71 -8.18
CA MSE A 281 21.96 19.88 -7.36
C MSE A 281 23.27 19.70 -6.65
O MSE A 281 23.45 18.75 -5.90
CB MSE A 281 20.85 20.13 -6.34
CG MSE A 281 19.48 20.27 -6.93
SE MSE A 281 18.17 20.48 -5.49
CE MSE A 281 18.49 22.38 -5.08
N ILE A 282 24.20 20.62 -6.88
CA ILE A 282 25.52 20.59 -6.25
C ILE A 282 25.58 21.67 -5.18
N PHE A 283 25.84 21.24 -3.95
CA PHE A 283 26.03 22.12 -2.80
C PHE A 283 27.52 22.12 -2.47
N PHE A 284 28.10 23.32 -2.27
CA PHE A 284 29.52 23.43 -1.96
C PHE A 284 29.72 23.57 -0.46
N LEU A 285 30.70 22.81 0.08
CA LEU A 285 30.97 22.78 1.51
C LEU A 285 32.33 23.34 1.84
N SER A 286 32.41 23.94 3.00
CA SER A 286 33.63 24.46 3.62
C SER A 286 34.37 23.28 4.30
N PRO A 287 35.69 23.38 4.69
CA PRO A 287 36.39 22.23 5.32
C PRO A 287 35.70 21.63 6.54
N ASN A 288 34.89 22.43 7.28
CA ASN A 288 34.14 21.95 8.46
C ASN A 288 32.83 21.21 8.06
N LEU A 289 32.61 21.04 6.72
CA LEU A 289 31.47 20.36 6.11
C LEU A 289 30.15 21.07 6.40
N GLU A 290 30.20 22.40 6.37
CA GLU A 290 29.04 23.26 6.48
C GLU A 290 28.77 23.78 5.10
N TRP A 291 27.51 24.05 4.79
CA TRP A 291 27.16 24.50 3.46
C TRP A 291 27.50 25.99 3.25
N ILE A 292 28.23 26.31 2.15
CA ILE A 292 28.55 27.68 1.75
C ILE A 292 27.31 28.20 1.02
N LYS A 293 26.47 28.94 1.76
CA LYS A 293 25.18 29.40 1.30
C LYS A 293 25.29 30.64 0.38
N THR A 294 26.02 30.50 -0.75
CA THR A 294 26.25 31.57 -1.73
C THR A 294 25.74 31.17 -3.13
N TYR A 295 26.40 30.17 -3.74
CA TYR A 295 26.10 29.63 -5.08
C TYR A 295 26.00 28.13 -5.04
N ILE A 296 25.06 27.60 -5.81
CA ILE A 296 24.86 26.16 -6.00
C ILE A 296 24.77 25.90 -7.52
N LYS A 297 24.76 24.65 -7.91
CA LYS A 297 24.56 24.27 -9.29
C LYS A 297 23.26 23.52 -9.39
N ILE A 298 22.39 23.96 -10.32
CA ILE A 298 21.14 23.24 -10.60
C ILE A 298 21.21 22.85 -12.06
N ASN A 299 21.10 21.54 -12.36
CA ASN A 299 21.15 20.99 -13.72
C ASN A 299 22.33 21.56 -14.51
N ASP A 300 23.51 21.58 -13.86
CA ASP A 300 24.81 22.03 -14.38
C ASP A 300 24.85 23.56 -14.60
N TRP A 301 23.89 24.30 -14.06
CA TRP A 301 23.89 25.75 -14.22
C TRP A 301 24.11 26.41 -12.84
N THR A 302 25.08 27.33 -12.73
CA THR A 302 25.42 28.00 -11.47
C THR A 302 24.35 29.06 -11.13
N VAL A 303 23.74 28.91 -9.95
CA VAL A 303 22.68 29.79 -9.46
C VAL A 303 23.12 30.48 -8.14
N ARG A 304 22.94 31.80 -8.06
CA ARG A 304 23.16 32.59 -6.86
C ARG A 304 21.94 32.45 -5.97
N ILE A 305 22.11 32.07 -4.69
CA ILE A 305 20.96 31.88 -3.78
C ILE A 305 20.30 33.23 -3.41
N ASN A 306 21.03 34.14 -2.70
CA ASN A 306 20.50 35.44 -2.23
C ASN A 306 20.29 36.44 -3.37
N ASP B 7 25.56 7.61 45.06
CA ASP B 7 24.29 7.45 44.35
C ASP B 7 23.11 7.95 45.20
N LEU B 8 21.86 7.71 44.74
CA LEU B 8 20.68 8.18 45.44
C LEU B 8 19.71 7.07 45.79
N ALA B 9 19.42 6.17 44.84
CA ALA B 9 18.40 5.14 45.06
C ALA B 9 18.89 3.68 44.90
N PRO B 10 18.13 2.67 45.43
CA PRO B 10 18.52 1.27 45.19
C PRO B 10 18.33 0.94 43.73
N CYS B 11 18.86 -0.21 43.34
CA CYS B 11 18.85 -0.77 42.01
C CYS B 11 17.48 -0.67 41.32
N PRO B 12 17.40 -0.20 40.04
CA PRO B 12 16.11 -0.23 39.31
C PRO B 12 15.52 -1.64 39.29
N HIS B 13 14.20 -1.73 39.36
CA HIS B 13 13.52 -3.02 39.42
C HIS B 13 12.28 -3.06 38.55
N GLY B 14 12.07 -4.18 37.84
CA GLY B 14 10.89 -4.38 37.02
C GLY B 14 11.02 -5.40 35.91
N VAL B 15 10.39 -5.09 34.77
CA VAL B 15 10.39 -5.96 33.60
C VAL B 15 10.80 -5.17 32.38
N SER B 16 11.24 -5.89 31.35
CA SER B 16 11.60 -5.40 30.02
C SER B 16 10.92 -6.31 29.03
N LEU B 17 9.88 -5.79 28.37
CA LEU B 17 9.08 -6.63 27.50
C LEU B 17 9.37 -6.47 26.04
N ARG B 18 9.46 -7.62 25.37
CA ARG B 18 9.57 -7.76 23.92
C ARG B 18 8.19 -8.20 23.42
N PHE B 19 7.78 -7.68 22.28
CA PHE B 19 6.49 -8.02 21.67
C PHE B 19 6.75 -8.66 20.33
N ILE B 20 6.31 -9.92 20.15
CA ILE B 20 6.53 -10.62 18.89
C ILE B 20 5.19 -11.13 18.33
N TYR B 21 5.14 -11.27 16.99
CA TYR B 21 4.04 -11.87 16.26
C TYR B 21 4.65 -12.87 15.27
N ASP B 22 4.91 -14.08 15.76
CA ASP B 22 5.47 -15.19 14.97
C ASP B 22 4.40 -16.28 14.77
N TYR B 23 3.20 -16.09 15.36
CA TYR B 23 2.11 -17.06 15.29
C TYR B 23 1.40 -16.96 13.93
N ASN B 24 2.13 -17.26 12.88
CA ASN B 24 1.70 -17.21 11.49
C ASN B 24 2.28 -18.45 10.79
N MSE B 25 1.94 -18.65 9.50
CA MSE B 25 2.34 -19.82 8.72
C MSE B 25 3.82 -19.82 8.38
O MSE B 25 4.36 -20.87 8.03
CB MSE B 25 1.49 -19.96 7.45
CG MSE B 25 0.01 -20.20 7.78
SE MSE B 25 -0.35 -21.84 8.80
CE MSE B 25 -0.24 -23.09 7.23
N GLU B 26 4.48 -18.67 8.52
CA GLU B 26 5.91 -18.49 8.26
C GLU B 26 6.73 -18.83 9.48
N TYR B 27 6.07 -18.93 10.65
CA TYR B 27 6.71 -19.19 11.95
C TYR B 27 7.84 -18.16 12.19
N ALA B 28 7.62 -16.92 11.74
CA ALA B 28 8.59 -15.85 11.83
C ALA B 28 7.95 -14.53 12.23
N ASN B 29 8.68 -13.77 13.07
CA ASN B 29 8.22 -12.50 13.61
C ASN B 29 7.94 -11.45 12.53
N ALA B 30 6.73 -10.89 12.57
CA ALA B 30 6.25 -9.86 11.66
C ALA B 30 5.65 -8.69 12.45
N PHE B 31 5.93 -8.64 13.77
CA PHE B 31 5.41 -7.59 14.66
C PHE B 31 5.68 -6.20 14.11
N ALA B 32 6.96 -5.87 13.82
CA ALA B 32 7.39 -4.53 13.40
C ALA B 32 6.71 -4.06 12.10
N LYS B 33 6.36 -5.00 11.19
CA LYS B 33 5.68 -4.60 9.96
C LYS B 33 4.16 -4.69 10.06
N LYS B 34 3.61 -5.42 11.07
CA LYS B 34 2.16 -5.55 11.16
C LYS B 34 1.49 -4.79 12.30
N VAL B 35 2.14 -4.64 13.48
CA VAL B 35 1.49 -3.96 14.61
C VAL B 35 1.97 -2.52 14.76
N ASP B 36 1.10 -1.57 14.40
CA ASP B 36 1.29 -0.11 14.36
C ASP B 36 0.86 0.63 15.67
N CYS B 37 0.10 -0.05 16.54
CA CYS B 37 -0.36 0.53 17.80
C CYS B 37 -0.46 -0.57 18.84
N LEU B 38 0.05 -0.31 20.03
CA LEU B 38 0.11 -1.31 21.07
C LEU B 38 -0.51 -0.81 22.36
N THR B 39 -1.36 -1.64 22.97
CA THR B 39 -1.98 -1.36 24.26
C THR B 39 -1.44 -2.43 25.21
N LEU B 40 -0.69 -2.03 26.22
CA LEU B 40 -0.13 -2.98 27.21
C LEU B 40 -0.77 -2.71 28.57
N LEU B 41 -1.38 -3.74 29.16
CA LEU B 41 -2.06 -3.67 30.45
C LEU B 41 -1.30 -4.46 31.51
N VAL B 42 -1.17 -3.88 32.72
CA VAL B 42 -0.45 -4.47 33.83
C VAL B 42 -1.45 -4.82 34.92
N TYR B 43 -1.42 -6.09 35.36
CA TYR B 43 -2.24 -6.60 36.46
C TYR B 43 -1.34 -7.25 37.49
N ASP B 44 -1.74 -7.22 38.77
CA ASP B 44 -0.94 -7.86 39.82
C ASP B 44 -1.23 -9.38 39.84
N GLU B 45 -0.61 -10.10 40.79
CA GLU B 45 -0.76 -11.54 40.97
C GLU B 45 -2.24 -11.95 41.27
N ASN B 46 -3.04 -11.06 41.87
CA ASN B 46 -4.46 -11.31 42.17
C ASN B 46 -5.39 -10.93 41.02
N GLY B 47 -4.83 -10.36 39.95
CA GLY B 47 -5.56 -9.90 38.78
C GLY B 47 -6.13 -8.50 38.86
N ASN B 48 -5.62 -7.65 39.78
CA ASN B 48 -6.12 -6.27 39.90
C ASN B 48 -5.30 -5.31 39.04
N TYR B 49 -6.00 -4.36 38.39
CA TYR B 49 -5.41 -3.35 37.51
C TYR B 49 -4.26 -2.63 38.21
N VAL B 50 -3.16 -2.37 37.46
CA VAL B 50 -1.97 -1.67 37.97
C VAL B 50 -1.66 -0.46 37.06
N ASP B 51 -1.50 -0.70 35.74
CA ASP B 51 -1.17 0.36 34.78
C ASP B 51 -1.48 -0.03 33.33
N THR B 52 -1.46 0.99 32.45
CA THR B 52 -1.63 0.90 31.01
C THR B 52 -0.53 1.69 30.33
N ARG B 53 0.03 1.12 29.25
CA ARG B 53 0.99 1.77 28.39
C ARG B 53 0.46 1.68 26.96
N ILE B 54 0.40 2.82 26.29
CA ILE B 54 -0.06 2.85 24.91
C ILE B 54 1.11 3.31 24.05
N VAL B 55 1.43 2.55 22.98
CA VAL B 55 2.52 2.88 22.06
C VAL B 55 1.98 2.98 20.63
N THR B 56 2.08 4.17 20.00
CA THR B 56 1.58 4.42 18.65
C THR B 56 2.67 4.93 17.69
N GLY B 57 3.84 5.27 18.23
CA GLY B 57 4.97 5.81 17.47
C GLY B 57 5.70 4.87 16.51
N THR B 58 6.87 5.33 16.03
CA THR B 58 7.74 4.62 15.10
C THR B 58 8.52 3.50 15.82
N GLU B 59 8.57 3.53 17.19
CA GLU B 59 9.23 2.55 18.09
C GLU B 59 8.90 1.11 17.72
N LEU B 60 7.63 0.84 17.42
CA LEU B 60 7.12 -0.48 17.11
C LEU B 60 7.73 -1.08 15.83
N GLN B 61 8.23 -0.23 14.91
CA GLN B 61 8.87 -0.65 13.66
C GLN B 61 10.32 -1.08 13.89
N ASP B 62 10.88 -0.75 15.06
CA ASP B 62 12.22 -1.15 15.43
C ASP B 62 12.14 -2.52 16.07
N GLU B 63 12.87 -3.52 15.52
CA GLU B 63 12.83 -4.90 16.03
C GLU B 63 13.52 -5.04 17.38
N ASN B 64 14.40 -4.08 17.73
CA ASN B 64 15.14 -4.06 18.99
CA ASN B 64 15.14 -4.08 18.98
C ASN B 64 14.32 -3.35 20.09
N TYR B 65 13.06 -2.97 19.79
CA TYR B 65 12.16 -2.31 20.74
C TYR B 65 11.85 -3.19 21.96
N ARG B 66 12.04 -2.60 23.16
CA ARG B 66 11.73 -3.26 24.43
CA ARG B 66 11.73 -3.26 24.43
C ARG B 66 11.04 -2.25 25.34
N MSE B 67 9.91 -2.65 25.96
CA MSE B 67 9.21 -1.77 26.88
C MSE B 67 9.77 -1.98 28.30
O MSE B 67 9.59 -3.05 28.88
CB MSE B 67 7.67 -2.04 26.85
CG MSE B 67 6.89 -1.02 27.67
SE MSE B 67 5.02 -1.55 27.84
CE MSE B 67 4.44 -1.04 26.00
N LYS B 68 10.41 -0.96 28.82
CA LYS B 68 10.97 -0.97 30.16
C LYS B 68 9.89 -0.53 31.13
N LEU B 69 9.59 -1.37 32.13
CA LEU B 69 8.59 -1.03 33.13
C LEU B 69 9.18 -1.08 34.53
N ASP B 70 9.19 0.07 35.20
CA ASP B 70 9.60 0.17 36.60
C ASP B 70 8.42 -0.31 37.44
N LEU B 71 8.60 -1.41 38.19
CA LEU B 71 7.54 -2.00 38.98
C LEU B 71 8.01 -2.44 40.35
N LYS B 72 7.12 -2.38 41.33
CA LYS B 72 7.36 -2.87 42.70
C LYS B 72 7.55 -4.38 42.61
N GLN B 73 8.57 -4.95 43.31
CA GLN B 73 8.86 -6.39 43.27
C GLN B 73 7.60 -7.22 43.34
N GLY B 74 7.48 -8.18 42.43
CA GLY B 74 6.32 -9.06 42.39
C GLY B 74 6.13 -9.83 41.10
N ASN B 75 5.07 -10.64 41.08
CA ASN B 75 4.69 -11.45 39.93
C ASN B 75 3.52 -10.75 39.26
N TYR B 76 3.67 -10.38 37.97
CA TYR B 76 2.65 -9.63 37.23
C TYR B 76 2.12 -10.37 36.03
N HIS B 77 0.93 -9.93 35.55
CA HIS B 77 0.26 -10.48 34.39
C HIS B 77 0.07 -9.36 33.38
N PHE B 78 0.66 -9.52 32.22
CA PHE B 78 0.61 -8.49 31.20
C PHE B 78 -0.30 -8.90 30.07
N VAL B 79 -1.16 -7.99 29.62
CA VAL B 79 -2.04 -8.27 28.48
C VAL B 79 -1.71 -7.24 27.40
N ALA B 80 -1.42 -7.71 26.17
CA ALA B 80 -1.10 -6.84 25.05
C ALA B 80 -2.17 -6.93 23.97
N TYR B 81 -2.52 -5.77 23.41
CA TYR B 81 -3.43 -5.67 22.27
C TYR B 81 -2.77 -4.89 21.20
N GLY B 82 -2.91 -5.36 19.96
CA GLY B 82 -2.45 -4.66 18.77
C GLY B 82 -3.67 -4.26 17.95
N GLY B 83 -3.71 -3.03 17.45
CA GLY B 83 -4.82 -2.56 16.63
C GLY B 83 -6.04 -2.02 17.35
N LEU B 84 -5.90 -1.69 18.63
CA LEU B 84 -6.96 -1.11 19.47
C LEU B 84 -6.77 0.38 19.69
N ALA B 85 -5.49 0.84 19.76
CA ALA B 85 -5.07 2.21 20.12
C ALA B 85 -5.19 3.27 19.01
N CYS B 86 -4.72 3.00 17.77
CA CYS B 86 -4.75 4.04 16.73
C CYS B 86 -6.18 4.31 16.21
N ASN B 87 -6.35 5.42 15.48
CA ASN B 87 -7.62 5.88 14.92
C ASN B 87 -8.16 4.94 13.81
N LYS B 88 -7.29 4.10 13.21
CA LYS B 88 -7.67 3.14 12.16
C LYS B 88 -8.49 1.94 12.71
N SER B 89 -8.38 1.66 14.03
CA SER B 89 -9.00 0.54 14.77
C SER B 89 -10.45 0.20 14.34
N SER B 90 -10.74 -1.11 14.27
CA SER B 90 -12.07 -1.63 13.94
C SER B 90 -12.79 -2.19 15.20
N PHE B 91 -12.05 -2.36 16.31
CA PHE B 91 -12.56 -2.95 17.54
C PHE B 91 -12.50 -1.97 18.72
N LEU B 92 -13.29 -2.27 19.75
CA LEU B 92 -13.37 -1.43 20.94
C LEU B 92 -13.28 -2.23 22.22
N MSE B 93 -12.65 -1.64 23.23
CA MSE B 93 -12.60 -2.11 24.59
C MSE B 93 -13.93 -1.72 25.18
O MSE B 93 -14.28 -0.54 25.15
CB MSE B 93 -11.44 -1.43 25.31
CG MSE B 93 -11.23 -1.92 26.71
SE MSE B 93 -9.89 -3.29 26.65
CE MSE B 93 -8.27 -2.15 26.68
N LYS B 94 -14.72 -2.71 25.64
CA LYS B 94 -16.06 -2.47 26.19
C LYS B 94 -15.99 -1.66 27.51
N TYR B 95 -15.21 -2.16 28.47
CA TYR B 95 -15.05 -1.55 29.79
C TYR B 95 -13.60 -1.12 29.91
N THR B 96 -13.36 0.18 30.11
CA THR B 96 -11.99 0.72 30.17
C THR B 96 -11.24 0.24 31.44
N PRO B 97 -10.05 -0.39 31.29
CA PRO B 97 -9.31 -0.79 32.50
C PRO B 97 -8.78 0.46 33.20
N GLY B 98 -8.96 0.46 34.51
CA GLY B 98 -8.53 1.52 35.40
C GLY B 98 -8.55 1.03 36.82
N GLU B 99 -8.19 1.89 37.80
CA GLU B 99 -8.17 1.56 39.23
C GLU B 99 -9.47 0.81 39.64
N GLY B 100 -9.31 -0.30 40.34
CA GLY B 100 -10.43 -1.13 40.77
C GLY B 100 -10.95 -2.17 39.79
N THR B 101 -10.49 -2.15 38.50
CA THR B 101 -10.91 -3.15 37.49
C THR B 101 -10.00 -4.41 37.58
N GLY B 102 -10.46 -5.51 36.98
CA GLY B 102 -9.75 -6.77 36.98
C GLY B 102 -9.44 -7.30 35.60
N TYR B 103 -8.55 -8.30 35.52
CA TYR B 103 -8.19 -8.92 34.26
C TYR B 103 -9.43 -9.63 33.63
N THR B 104 -10.29 -10.30 34.44
CA THR B 104 -11.48 -11.02 33.92
C THR B 104 -12.63 -10.09 33.48
N ASP B 105 -12.42 -8.75 33.56
CA ASP B 105 -13.42 -7.77 33.12
C ASP B 105 -13.17 -7.31 31.68
N LEU B 106 -12.04 -7.75 31.09
CA LEU B 106 -11.60 -7.41 29.73
C LEU B 106 -12.49 -8.02 28.68
N GLN B 107 -12.96 -7.16 27.75
CA GLN B 107 -13.83 -7.52 26.64
C GLN B 107 -13.56 -6.61 25.47
N VAL B 108 -13.43 -7.20 24.28
CA VAL B 108 -13.19 -6.46 23.05
C VAL B 108 -14.28 -6.86 22.06
N GLU B 109 -14.96 -5.87 21.49
CA GLU B 109 -16.02 -6.10 20.53
C GLU B 109 -15.75 -5.34 19.24
N LEU B 110 -16.19 -5.89 18.09
CA LEU B 110 -16.09 -5.17 16.84
C LEU B 110 -17.08 -4.01 16.86
N ASP B 111 -16.66 -2.85 16.33
CA ASP B 111 -17.52 -1.71 16.11
C ASP B 111 -18.47 -2.12 14.99
N SER B 112 -19.79 -2.25 15.28
CA SER B 112 -20.83 -2.70 14.34
C SER B 112 -20.87 -1.91 13.01
N GLU B 113 -20.38 -0.63 13.05
CA GLU B 113 -20.30 0.27 11.91
CA GLU B 113 -20.29 0.29 11.91
C GLU B 113 -19.46 -0.33 10.78
N CYS B 114 -18.46 -1.15 11.14
CA CYS B 114 -17.55 -1.84 10.21
C CYS B 114 -18.27 -2.88 9.36
N LEU B 115 -19.40 -3.42 9.81
CA LEU B 115 -20.09 -4.43 9.00
C LEU B 115 -20.80 -3.80 7.80
N THR B 116 -21.33 -2.59 7.99
CA THR B 116 -22.14 -1.90 6.98
C THR B 116 -21.46 -0.73 6.26
N ASN B 117 -20.56 0.04 6.93
CA ASN B 117 -19.92 1.18 6.28
C ASN B 117 -18.86 0.66 5.28
N PRO B 118 -19.05 0.90 3.95
CA PRO B 118 -18.10 0.36 2.96
C PRO B 118 -16.65 0.77 3.15
N ARG B 119 -16.44 1.97 3.72
CA ARG B 119 -15.13 2.52 4.01
C ARG B 119 -14.50 1.87 5.26
N ARG B 120 -15.29 1.08 6.01
CA ARG B 120 -14.81 0.45 7.23
C ARG B 120 -14.89 -1.07 7.19
N LYS B 121 -15.40 -1.67 6.09
CA LYS B 121 -15.56 -3.13 5.99
C LYS B 121 -14.24 -3.89 6.06
N ASN B 122 -13.17 -3.33 5.48
CA ASN B 122 -11.85 -3.96 5.54
C ASN B 122 -11.29 -3.67 6.93
N LEU B 123 -11.38 -4.66 7.83
CA LEU B 123 -11.01 -4.53 9.23
C LEU B 123 -9.52 -4.36 9.46
N HIS B 124 -9.18 -3.45 10.38
CA HIS B 124 -7.83 -3.18 10.85
C HIS B 124 -7.40 -4.37 11.72
N GLY B 125 -6.22 -4.91 11.46
CA GLY B 125 -5.68 -6.04 12.22
C GLY B 125 -5.85 -5.93 13.72
N LEU B 126 -6.31 -7.03 14.36
CA LEU B 126 -6.46 -7.11 15.79
C LEU B 126 -5.51 -8.19 16.28
N TYR B 127 -4.63 -7.81 17.22
CA TYR B 127 -3.63 -8.71 17.78
C TYR B 127 -3.79 -8.82 19.30
N TRP B 128 -3.45 -9.99 19.84
CA TRP B 128 -3.57 -10.26 21.27
C TRP B 128 -2.50 -11.24 21.73
N GLY B 129 -2.05 -11.03 22.95
CA GLY B 129 -1.12 -11.88 23.67
C GLY B 129 -1.12 -11.52 25.13
N GLU B 130 -0.62 -12.43 25.95
CA GLU B 130 -0.49 -12.20 27.40
C GLU B 130 0.74 -12.94 27.93
N LEU B 131 1.21 -12.54 29.10
CA LEU B 131 2.38 -13.13 29.74
C LEU B 131 2.37 -12.85 31.22
N THR B 132 2.71 -13.89 32.02
CA THR B 132 2.86 -13.77 33.47
C THR B 132 4.36 -13.75 33.69
N LEU B 133 4.86 -12.75 34.42
CA LEU B 133 6.30 -12.62 34.60
C LEU B 133 6.61 -11.92 35.91
N ALA B 134 7.57 -12.50 36.65
CA ALA B 134 8.06 -11.94 37.89
C ALA B 134 9.13 -10.90 37.56
N THR B 135 9.19 -9.83 38.34
CA THR B 135 10.14 -8.74 38.19
C THR B 135 11.53 -9.16 38.67
N ALA B 136 12.55 -8.43 38.23
CA ALA B 136 13.92 -8.66 38.67
C ALA B 136 14.66 -7.33 38.82
N ASP B 137 15.78 -7.35 39.55
CA ASP B 137 16.69 -6.20 39.65
C ASP B 137 17.27 -6.01 38.29
N LEU B 138 17.25 -4.76 37.78
CA LEU B 138 17.75 -4.39 36.45
C LEU B 138 16.93 -5.06 35.32
N TYR B 139 15.60 -5.24 35.58
CA TYR B 139 14.52 -5.69 34.71
C TYR B 139 14.68 -7.11 34.17
N SER B 140 13.70 -7.98 34.51
CA SER B 140 13.61 -9.34 33.97
C SER B 140 13.15 -9.23 32.55
N GLU B 141 13.57 -10.14 31.69
CA GLU B 141 13.16 -10.08 30.30
C GLU B 141 12.06 -11.06 30.04
N GLY B 142 11.10 -10.64 29.25
CA GLY B 142 9.96 -11.44 28.87
C GLY B 142 9.44 -11.09 27.51
N THR B 143 8.89 -12.08 26.81
CA THR B 143 8.35 -11.88 25.49
C THR B 143 6.86 -12.15 25.47
N VAL B 144 6.10 -11.18 24.95
CA VAL B 144 4.65 -11.32 24.76
C VAL B 144 4.46 -11.79 23.35
N GLU B 145 4.08 -13.06 23.23
CA GLU B 145 3.84 -13.73 21.97
C GLU B 145 2.41 -13.45 21.57
N MSE B 146 2.24 -12.77 20.46
CA MSE B 146 0.91 -12.37 20.05
C MSE B 146 0.37 -13.11 18.84
O MSE B 146 1.12 -13.68 18.04
CB MSE B 146 0.91 -10.88 19.77
CG MSE B 146 1.22 -10.12 21.06
SE MSE B 146 1.37 -8.31 20.72
CE MSE B 146 -0.55 -7.84 20.76
N MSE B 147 -0.97 -13.14 18.75
CA MSE B 147 -1.66 -13.77 17.64
C MSE B 147 -2.54 -12.74 16.95
O MSE B 147 -2.85 -11.70 17.53
CB MSE B 147 -2.45 -14.99 18.09
CG MSE B 147 -3.62 -14.71 19.03
SE MSE B 147 -4.86 -16.25 18.96
CE MSE B 147 -5.83 -15.69 17.55
N LYS B 148 -2.90 -13.02 15.69
CA LYS B 148 -3.74 -12.18 14.87
C LYS B 148 -5.17 -12.74 14.92
N ASN B 149 -6.15 -11.87 15.23
CA ASN B 149 -7.56 -12.29 15.34
C ASN B 149 -8.37 -12.06 14.07
N THR B 150 -7.87 -11.23 13.13
CA THR B 150 -8.63 -10.90 11.93
C THR B 150 -8.17 -11.76 10.74
N ASN B 151 -9.05 -11.88 9.74
CA ASN B 151 -8.83 -12.72 8.56
C ASN B 151 -9.31 -12.05 7.31
N ASN B 152 -8.69 -12.39 6.21
CA ASN B 152 -9.09 -11.93 4.89
C ASN B 152 -9.36 -13.16 4.05
N ILE B 153 -10.54 -13.24 3.47
CA ILE B 153 -10.97 -14.38 2.66
C ILE B 153 -11.29 -13.85 1.28
N ARG B 154 -10.53 -14.33 0.28
CA ARG B 154 -10.71 -14.05 -1.14
C ARG B 154 -11.49 -15.19 -1.73
N VAL B 155 -12.72 -14.94 -2.15
CA VAL B 155 -13.56 -15.93 -2.82
C VAL B 155 -13.49 -15.69 -4.32
N VAL B 156 -13.12 -16.72 -5.09
CA VAL B 156 -13.00 -16.62 -6.53
C VAL B 156 -14.00 -17.56 -7.22
N LEU B 157 -14.70 -17.05 -8.24
CA LEU B 157 -15.61 -17.81 -9.10
C LEU B 157 -14.96 -17.90 -10.46
N GLN B 158 -14.69 -19.14 -10.90
CA GLN B 158 -13.99 -19.43 -12.13
C GLN B 158 -14.73 -20.44 -12.97
N GLN B 159 -14.92 -20.15 -14.26
CA GLN B 159 -15.56 -21.13 -15.12
C GLN B 159 -14.58 -22.21 -15.47
N MSE B 160 -15.01 -23.49 -15.36
CA MSE B 160 -14.22 -24.67 -15.69
C MSE B 160 -13.74 -24.64 -17.15
O MSE B 160 -12.59 -24.99 -17.40
CB MSE B 160 -15.06 -25.92 -15.46
CG MSE B 160 -14.24 -27.17 -15.39
SE MSE B 160 -15.36 -28.70 -15.60
CE MSE B 160 -15.62 -28.60 -17.58
N ASN B 161 -14.59 -24.18 -18.09
CA ASN B 161 -14.26 -24.07 -19.52
C ASN B 161 -13.37 -22.85 -19.83
N GLY B 162 -13.26 -21.91 -18.89
CA GLY B 162 -12.44 -20.72 -19.07
C GLY B 162 -13.14 -19.47 -19.55
N GLU B 163 -14.47 -19.55 -19.79
CA GLU B 163 -15.27 -18.38 -20.17
C GLU B 163 -15.40 -17.41 -18.98
N PRO B 164 -15.63 -16.09 -19.21
CA PRO B 164 -15.62 -15.14 -18.08
C PRO B 164 -16.75 -15.32 -17.04
N VAL B 165 -16.52 -14.78 -15.84
CA VAL B 165 -17.48 -14.72 -14.73
C VAL B 165 -17.59 -13.25 -14.35
N ASP B 166 -18.80 -12.71 -14.43
CA ASP B 166 -19.06 -11.31 -14.09
C ASP B 166 -19.40 -11.25 -12.61
N ASP B 167 -18.54 -10.60 -11.83
CA ASP B 167 -18.72 -10.48 -10.38
C ASP B 167 -20.02 -9.76 -10.00
N LYS B 168 -20.48 -8.84 -10.86
CA LYS B 168 -21.68 -8.03 -10.66
C LYS B 168 -22.95 -8.89 -10.67
N LYS B 169 -22.86 -10.12 -11.18
CA LYS B 169 -23.99 -11.05 -11.23
C LYS B 169 -24.18 -11.78 -9.89
N PHE B 170 -23.28 -11.54 -8.90
CA PHE B 170 -23.31 -12.30 -7.64
C PHE B 170 -23.24 -11.46 -6.38
N GLU B 171 -23.73 -12.06 -5.28
CA GLU B 171 -23.71 -11.56 -3.91
C GLU B 171 -22.91 -12.53 -3.05
N PHE B 172 -21.96 -12.03 -2.24
CA PHE B 172 -21.09 -12.87 -1.39
C PHE B 172 -21.29 -12.52 0.06
N GLU B 173 -21.43 -13.54 0.93
CA GLU B 173 -21.63 -13.34 2.36
C GLU B 173 -20.92 -14.36 3.20
N ILE B 174 -20.57 -13.96 4.43
CA ILE B 174 -20.05 -14.82 5.47
C ILE B 174 -20.89 -14.53 6.69
N THR B 175 -21.64 -15.54 7.16
CA THR B 175 -22.38 -15.40 8.41
C THR B 175 -21.54 -16.09 9.52
N ASP B 176 -21.44 -15.43 10.66
CA ASP B 176 -20.68 -15.95 11.80
C ASP B 176 -21.15 -15.26 13.05
N ASP B 177 -20.72 -15.76 14.21
CA ASP B 177 -20.98 -15.15 15.51
C ASP B 177 -19.60 -15.05 16.17
N ASN B 178 -18.81 -14.07 15.76
CA ASN B 178 -17.43 -13.99 16.23
C ASN B 178 -16.94 -12.54 16.48
N ILE B 179 -17.81 -11.59 16.86
CA ILE B 179 -17.35 -10.21 17.01
C ILE B 179 -17.11 -9.77 18.48
N LEU B 180 -17.31 -10.68 19.44
CA LEU B 180 -17.13 -10.40 20.86
C LEU B 180 -16.09 -11.35 21.45
N PHE B 181 -15.03 -10.78 22.04
CA PHE B 181 -13.96 -11.52 22.68
C PHE B 181 -14.02 -11.38 24.18
N SER B 182 -13.76 -12.50 24.88
CA SER B 182 -13.63 -12.52 26.33
C SER B 182 -12.21 -12.06 26.69
N TYR B 183 -11.91 -11.97 28.01
CA TYR B 183 -10.59 -11.57 28.56
C TYR B 183 -9.47 -12.51 28.13
N ASP B 184 -9.79 -13.79 27.88
CA ASP B 184 -8.80 -14.79 27.50
C ASP B 184 -8.70 -14.96 25.93
N ASN B 185 -9.26 -13.97 25.17
CA ASN B 185 -9.31 -13.91 23.70
C ASN B 185 -10.27 -14.94 23.09
N ASN B 186 -11.01 -15.70 23.91
CA ASN B 186 -11.96 -16.65 23.38
C ASN B 186 -13.17 -15.89 22.87
N LEU B 187 -13.88 -16.43 21.89
CA LEU B 187 -15.08 -15.80 21.40
C LEU B 187 -16.22 -16.01 22.36
N LEU B 188 -17.11 -15.02 22.48
CA LEU B 188 -18.32 -15.07 23.28
C LEU B 188 -19.54 -14.97 22.37
N GLU B 189 -20.55 -15.84 22.54
CA GLU B 189 -21.76 -15.83 21.74
C GLU B 189 -22.49 -14.50 21.92
N ASN B 190 -22.71 -13.78 20.80
CA ASN B 190 -23.31 -12.45 20.85
C ASN B 190 -24.40 -12.24 19.78
N GLY B 191 -24.66 -13.25 18.97
CA GLY B 191 -25.64 -13.16 17.89
C GLY B 191 -24.94 -13.06 16.54
N MSE B 192 -25.54 -13.72 15.53
CA MSE B 192 -25.04 -13.78 14.17
C MSE B 192 -24.84 -12.40 13.55
O MSE B 192 -25.66 -11.49 13.77
CB MSE B 192 -25.99 -14.62 13.31
CG MSE B 192 -25.49 -14.85 11.89
SE MSE B 192 -26.94 -15.41 10.74
CE MSE B 192 -27.74 -13.67 10.29
N VAL B 193 -23.78 -12.27 12.78
CA VAL B 193 -23.46 -11.09 11.99
C VAL B 193 -23.27 -11.55 10.54
N THR B 194 -23.49 -10.66 9.58
CA THR B 194 -23.28 -10.94 8.18
C THR B 194 -22.15 -10.04 7.68
N TYR B 195 -21.08 -10.66 7.15
CA TYR B 195 -19.98 -9.94 6.51
C TYR B 195 -20.26 -9.89 5.01
N THR B 196 -20.00 -8.76 4.37
CA THR B 196 -20.14 -8.59 2.93
C THR B 196 -18.78 -8.10 2.39
N PRO B 197 -18.50 -8.20 1.06
CA PRO B 197 -17.16 -7.83 0.58
C PRO B 197 -16.80 -6.35 0.69
N TRP B 198 -15.53 -6.11 1.03
CA TRP B 198 -14.94 -4.78 1.10
C TRP B 198 -14.38 -4.44 -0.28
N ALA B 199 -14.16 -5.45 -1.12
CA ALA B 199 -13.68 -5.38 -2.52
C ALA B 199 -14.27 -6.52 -3.29
N GLN B 200 -14.60 -6.26 -4.54
CA GLN B 200 -15.22 -7.19 -5.47
C GLN B 200 -14.90 -6.70 -6.88
N GLY B 201 -14.68 -7.65 -7.79
CA GLY B 201 -14.36 -7.32 -9.17
C GLY B 201 -14.01 -8.53 -10.00
N GLN B 202 -13.24 -8.28 -11.04
CA GLN B 202 -12.76 -9.32 -11.94
C GLN B 202 -11.24 -9.34 -11.93
N ALA B 203 -10.67 -10.53 -12.14
CA ALA B 203 -9.23 -10.71 -12.20
C ALA B 203 -8.88 -11.70 -13.32
N SER B 204 -7.60 -11.70 -13.72
CA SER B 204 -7.05 -12.59 -14.73
C SER B 204 -6.52 -13.86 -14.08
N ALA B 205 -6.85 -15.03 -14.67
CA ALA B 205 -6.37 -16.34 -14.20
C ALA B 205 -5.49 -16.98 -15.26
N GLY B 206 -4.91 -16.15 -16.13
CA GLY B 206 -4.05 -16.63 -17.19
C GLY B 206 -4.79 -16.86 -18.47
N PHE B 207 -4.26 -17.76 -19.32
CA PHE B 207 -4.78 -18.03 -20.65
C PHE B 207 -5.00 -19.52 -20.89
N THR B 208 -5.96 -19.82 -21.77
CA THR B 208 -6.21 -21.18 -22.24
C THR B 208 -5.25 -21.46 -23.41
N ASP B 209 -5.09 -22.74 -23.79
CA ASP B 209 -4.23 -23.15 -24.93
C ASP B 209 -4.77 -22.62 -26.27
N GLU B 210 -5.94 -21.97 -26.24
CA GLU B 210 -6.58 -21.32 -27.40
C GLU B 210 -6.29 -19.80 -27.40
N GLY B 211 -5.43 -19.36 -26.48
CA GLY B 211 -5.01 -17.97 -26.32
C GLY B 211 -6.04 -17.05 -25.70
N ARG B 212 -7.08 -17.65 -25.08
CA ARG B 212 -8.17 -16.92 -24.47
C ARG B 212 -7.86 -16.62 -23.01
N GLU B 213 -7.98 -15.34 -22.59
CA GLU B 213 -7.75 -14.96 -21.21
C GLU B 213 -8.89 -15.48 -20.34
N VAL B 214 -8.54 -16.05 -19.20
CA VAL B 214 -9.50 -16.57 -18.22
C VAL B 214 -9.78 -15.43 -17.26
N VAL B 215 -11.04 -14.96 -17.23
CA VAL B 215 -11.47 -13.84 -16.37
C VAL B 215 -12.37 -14.41 -15.28
N VAL B 216 -11.96 -14.19 -14.05
CA VAL B 216 -12.66 -14.71 -12.89
C VAL B 216 -13.29 -13.57 -12.13
N ALA B 217 -14.27 -13.90 -11.29
CA ALA B 217 -14.91 -12.98 -10.37
C ALA B 217 -14.26 -13.18 -9.01
N TYR B 218 -14.07 -12.10 -8.26
CA TYR B 218 -13.54 -12.23 -6.91
C TYR B 218 -14.29 -11.33 -5.97
N ALA B 219 -14.28 -11.70 -4.69
CA ALA B 219 -14.79 -10.96 -3.55
C ALA B 219 -13.84 -11.14 -2.36
N GLU B 220 -13.47 -10.02 -1.75
CA GLU B 220 -12.61 -10.01 -0.57
C GLU B 220 -13.49 -9.70 0.63
N LEU B 221 -13.49 -10.61 1.62
CA LEU B 221 -14.26 -10.42 2.85
C LEU B 221 -13.31 -10.42 4.04
N SER B 222 -13.51 -9.50 4.96
CA SER B 222 -12.65 -9.27 6.13
C SER B 222 -13.45 -9.63 7.39
N THR B 223 -12.97 -10.60 8.19
CA THR B 223 -13.74 -11.07 9.32
C THR B 223 -12.94 -11.07 10.62
N SER B 224 -13.64 -11.32 11.71
CA SER B 224 -13.02 -11.49 13.02
C SER B 224 -12.49 -12.96 13.12
N ARG B 225 -12.20 -13.45 14.34
CA ARG B 225 -11.58 -14.76 14.57
C ARG B 225 -12.39 -15.97 14.07
N LEU B 226 -11.67 -16.85 13.36
CA LEU B 226 -12.17 -18.13 12.86
C LEU B 226 -11.87 -19.21 13.88
N MSE B 227 -12.92 -19.84 14.38
CA MSE B 227 -12.75 -20.86 15.38
C MSE B 227 -13.63 -22.07 15.11
O MSE B 227 -14.74 -21.93 14.58
CB MSE B 227 -13.07 -20.31 16.80
CG MSE B 227 -12.02 -19.35 17.35
SE MSE B 227 -12.36 -18.94 19.23
CE MSE B 227 -11.21 -20.41 20.09
N VAL B 228 -13.15 -23.23 15.55
CA VAL B 228 -13.93 -24.47 15.51
C VAL B 228 -14.52 -24.63 16.92
N ARG B 229 -15.84 -24.41 17.07
CA ARG B 229 -16.58 -24.46 18.35
C ARG B 229 -17.94 -25.09 18.10
N ASP B 230 -18.56 -25.67 19.18
CA ASP B 230 -19.85 -26.37 19.11
CA ASP B 230 -19.82 -26.39 19.03
C ASP B 230 -21.04 -25.45 18.94
N TRP B 231 -20.89 -24.16 19.31
CA TRP B 231 -22.03 -23.24 19.30
C TRP B 231 -22.23 -22.39 18.02
N TYR B 232 -21.28 -22.42 17.07
CA TYR B 232 -21.51 -21.75 15.81
C TYR B 232 -20.76 -22.44 14.69
N SER B 233 -21.47 -22.58 13.57
CA SER B 233 -20.96 -23.16 12.33
C SER B 233 -20.93 -22.02 11.25
N PRO B 234 -19.80 -21.25 11.11
CA PRO B 234 -19.77 -20.15 10.12
C PRO B 234 -20.06 -20.65 8.70
N LYS B 235 -20.77 -19.80 7.95
CA LYS B 235 -21.17 -20.10 6.58
C LYS B 235 -20.62 -19.14 5.54
N LEU B 236 -20.23 -19.66 4.40
CA LEU B 236 -19.89 -18.81 3.27
C LEU B 236 -21.04 -19.03 2.29
N THR B 237 -21.67 -17.95 1.78
CA THR B 237 -22.80 -18.03 0.86
C THR B 237 -22.55 -17.18 -0.41
N VAL B 238 -22.85 -17.76 -1.58
CA VAL B 238 -22.73 -17.06 -2.87
C VAL B 238 -24.10 -17.18 -3.55
N ARG B 239 -24.72 -16.06 -3.85
CA ARG B 239 -26.06 -16.00 -4.45
C ARG B 239 -26.05 -15.30 -5.82
N ARG B 240 -26.77 -15.86 -6.83
CA ARG B 240 -26.93 -15.20 -8.14
C ARG B 240 -28.01 -14.10 -7.97
N LYS B 241 -27.67 -12.85 -8.31
CA LYS B 241 -28.58 -11.71 -8.16
C LYS B 241 -29.87 -11.81 -9.00
N ALA B 242 -29.77 -12.19 -10.28
CA ALA B 242 -30.88 -12.26 -11.24
C ALA B 242 -32.03 -13.23 -10.81
N ASP B 243 -31.73 -14.42 -10.29
CA ASP B 243 -32.78 -15.35 -9.89
C ASP B 243 -32.81 -15.64 -8.36
N GLY B 244 -31.88 -15.06 -7.60
CA GLY B 244 -31.79 -15.24 -6.16
C GLY B 244 -31.33 -16.60 -5.63
N VAL B 245 -30.92 -17.51 -6.53
CA VAL B 245 -30.43 -18.86 -6.19
C VAL B 245 -29.06 -18.79 -5.51
N GLU B 246 -28.93 -19.47 -4.32
CA GLU B 246 -27.66 -19.60 -3.59
C GLU B 246 -26.90 -20.77 -4.18
N ILE B 247 -25.95 -20.48 -5.06
CA ILE B 247 -25.18 -21.49 -5.78
C ILE B 247 -24.14 -22.17 -4.86
N ILE B 248 -23.66 -21.45 -3.82
CA ILE B 248 -22.71 -21.92 -2.80
C ILE B 248 -23.27 -21.54 -1.42
N ASN B 249 -23.28 -22.53 -0.51
CA ASN B 249 -23.70 -22.38 0.89
C ASN B 249 -23.03 -23.47 1.69
N ILE B 250 -21.79 -23.17 2.20
CA ILE B 250 -20.93 -24.18 2.87
C ILE B 250 -20.51 -23.81 4.31
N PRO B 251 -20.25 -24.86 5.17
CA PRO B 251 -19.65 -24.61 6.48
C PRO B 251 -18.16 -24.29 6.27
N LEU B 252 -17.83 -22.99 6.28
CA LEU B 252 -16.50 -22.44 6.02
C LEU B 252 -15.38 -23.12 6.86
N ILE B 253 -15.59 -23.30 8.16
CA ILE B 253 -14.52 -23.89 8.99
C ILE B 253 -14.24 -25.35 8.56
N ASN B 254 -15.30 -26.12 8.23
CA ASN B 254 -15.14 -27.50 7.75
C ASN B 254 -14.30 -27.51 6.50
N TYR B 255 -14.59 -26.60 5.53
CA TYR B 255 -13.84 -26.51 4.29
C TYR B 255 -12.39 -26.11 4.57
N LEU B 256 -12.17 -25.08 5.40
CA LEU B 256 -10.79 -24.67 5.69
C LEU B 256 -9.97 -25.78 6.33
N LEU B 257 -10.60 -26.58 7.23
CA LEU B 257 -9.96 -27.68 7.95
C LEU B 257 -9.68 -28.88 7.03
N MSE B 258 -10.24 -28.90 5.82
CA MSE B 258 -9.89 -29.91 4.81
C MSE B 258 -8.48 -29.63 4.31
O MSE B 258 -7.71 -30.57 4.12
CB MSE B 258 -10.87 -29.92 3.63
CG MSE B 258 -12.31 -30.25 4.01
SE MSE B 258 -13.50 -30.13 2.48
CE MSE B 258 -15.27 -30.29 3.51
N LEU B 259 -8.10 -28.35 4.16
CA LEU B 259 -6.74 -27.97 3.77
C LEU B 259 -5.76 -28.41 4.88
N LYS B 260 -6.10 -28.11 6.16
CA LYS B 260 -5.33 -28.51 7.32
C LYS B 260 -5.12 -30.03 7.36
N SER B 261 -6.15 -30.85 7.07
CA SER B 261 -5.96 -32.30 7.11
C SER B 261 -5.06 -32.81 6.00
N ASP B 262 -5.13 -32.22 4.80
CA ASP B 262 -4.28 -32.62 3.67
C ASP B 262 -2.82 -32.20 3.80
N LEU B 263 -2.53 -30.99 4.35
CA LEU B 263 -1.14 -30.54 4.34
C LEU B 263 -0.55 -30.24 5.70
N TYR B 264 -1.39 -30.05 6.74
CA TYR B 264 -0.85 -29.65 8.05
C TYR B 264 -1.49 -30.46 9.18
N ALA B 265 -1.58 -31.79 9.03
CA ALA B 265 -2.25 -32.65 10.00
C ALA B 265 -1.54 -32.67 11.38
N SER B 266 -0.23 -32.34 11.46
CA SER B 266 0.47 -32.29 12.75
C SER B 266 0.06 -31.06 13.57
N MSE B 267 -0.54 -30.04 12.92
CA MSE B 267 -0.97 -28.82 13.61
C MSE B 267 -2.24 -29.05 14.38
O MSE B 267 -3.01 -29.91 13.98
CB MSE B 267 -1.25 -27.71 12.61
CG MSE B 267 -0.07 -26.86 12.27
SE MSE B 267 -0.63 -25.19 11.37
CE MSE B 267 0.97 -25.01 10.22
N ASP B 268 -2.49 -28.25 15.44
CA ASP B 268 -3.76 -28.28 16.16
C ASP B 268 -4.76 -27.52 15.26
N SER B 269 -6.02 -27.96 15.17
CA SER B 269 -6.99 -27.30 14.26
C SER B 269 -7.12 -25.80 14.50
N GLN B 270 -7.29 -25.39 15.78
CA GLN B 270 -7.43 -23.99 16.14
C GLN B 270 -6.15 -23.23 15.83
N GLU B 271 -4.99 -23.86 16.03
CA GLU B 271 -3.65 -23.30 15.70
C GLU B 271 -3.59 -22.94 14.20
N PHE B 272 -4.04 -23.86 13.34
CA PHE B 272 -4.12 -23.66 11.90
C PHE B 272 -5.03 -22.45 11.53
N LEU B 273 -6.21 -22.34 12.17
CA LEU B 273 -7.17 -21.25 11.94
C LEU B 273 -6.66 -19.91 12.42
N ASP B 274 -5.80 -19.90 13.44
CA ASP B 274 -5.21 -18.70 14.01
C ASP B 274 -3.98 -18.25 13.24
N ARG B 275 -3.07 -19.20 12.90
CA ARG B 275 -1.82 -18.92 12.19
C ARG B 275 -2.04 -18.37 10.79
N GLU B 276 -3.07 -18.83 10.09
CA GLU B 276 -3.35 -18.35 8.75
C GLU B 276 -4.36 -17.23 8.79
N SER B 277 -4.05 -16.08 8.17
CA SER B 277 -4.96 -14.93 8.15
C SER B 277 -5.32 -14.48 6.72
N GLU B 278 -4.66 -15.06 5.71
CA GLU B 278 -4.87 -14.74 4.29
C GLU B 278 -5.36 -15.99 3.64
N TRP B 279 -6.64 -15.99 3.26
CA TRP B 279 -7.30 -17.17 2.70
C TRP B 279 -7.80 -16.90 1.32
N SER B 280 -7.78 -17.92 0.46
CA SER B 280 -8.31 -17.80 -0.87
C SER B 280 -9.01 -19.08 -1.24
N MSE B 281 -10.18 -18.94 -1.85
CA MSE B 281 -10.98 -20.09 -2.22
C MSE B 281 -11.50 -19.95 -3.62
O MSE B 281 -12.22 -18.99 -3.90
CB MSE B 281 -12.14 -20.30 -1.23
CG MSE B 281 -11.72 -20.40 0.21
SE MSE B 281 -13.24 -20.54 1.38
CE MSE B 281 -13.73 -22.42 1.02
N ILE B 282 -11.17 -20.91 -4.47
CA ILE B 282 -11.63 -20.89 -5.85
C ILE B 282 -12.70 -21.95 -6.03
N PHE B 283 -13.89 -21.50 -6.47
CA PHE B 283 -15.03 -22.36 -6.79
C PHE B 283 -15.18 -22.40 -8.30
N PHE B 284 -15.31 -23.61 -8.87
CA PHE B 284 -15.43 -23.76 -10.32
C PHE B 284 -16.90 -23.86 -10.71
N LEU B 285 -17.28 -23.11 -11.76
CA LEU B 285 -18.66 -23.04 -12.24
C LEU B 285 -18.82 -23.61 -13.62
N SER B 286 -19.99 -24.19 -13.85
CA SER B 286 -20.42 -24.72 -15.14
C SER B 286 -20.96 -23.53 -16.00
N PRO B 287 -21.15 -23.66 -17.35
CA PRO B 287 -21.64 -22.50 -18.15
C PRO B 287 -22.95 -21.85 -17.64
N ASN B 288 -23.81 -22.60 -16.94
CA ASN B 288 -25.06 -22.10 -16.36
C ASN B 288 -24.83 -21.35 -15.01
N LEU B 289 -23.56 -21.21 -14.62
CA LEU B 289 -23.07 -20.53 -13.41
C LEU B 289 -23.57 -21.22 -12.13
N GLU B 290 -23.56 -22.57 -12.17
CA GLU B 290 -23.86 -23.41 -11.02
C GLU B 290 -22.54 -23.95 -10.54
N TRP B 291 -22.41 -24.21 -9.23
CA TRP B 291 -21.14 -24.69 -8.70
C TRP B 291 -20.93 -26.18 -8.98
N ILE B 292 -19.75 -26.52 -9.56
CA ILE B 292 -19.32 -27.91 -9.80
C ILE B 292 -18.76 -28.43 -8.47
N LYS B 293 -19.61 -29.12 -7.73
CA LYS B 293 -19.32 -29.58 -6.36
C LYS B 293 -18.42 -30.85 -6.36
N THR B 294 -17.19 -30.72 -6.91
CA THR B 294 -16.22 -31.83 -6.96
C THR B 294 -14.88 -31.44 -6.27
N TYR B 295 -14.17 -30.45 -6.86
CA TYR B 295 -12.90 -29.93 -6.38
C TYR B 295 -12.92 -28.43 -6.31
N ILE B 296 -12.29 -27.88 -5.27
CA ILE B 296 -12.09 -26.45 -5.06
C ILE B 296 -10.59 -26.21 -4.78
N LYS B 297 -10.19 -24.97 -4.76
CA LYS B 297 -8.83 -24.62 -4.39
C LYS B 297 -8.88 -23.83 -3.13
N ILE B 298 -8.09 -24.24 -2.12
CA ILE B 298 -7.95 -23.50 -0.87
C ILE B 298 -6.49 -23.15 -0.75
N ASN B 299 -6.17 -21.84 -0.66
CA ASN B 299 -4.81 -21.32 -0.56
C ASN B 299 -3.88 -21.95 -1.61
N ASP B 300 -4.37 -22.01 -2.86
CA ASP B 300 -3.67 -22.54 -4.04
C ASP B 300 -3.49 -24.08 -3.98
N TRP B 301 -4.18 -24.77 -3.06
CA TRP B 301 -4.06 -26.21 -2.99
C TRP B 301 -5.43 -26.84 -3.38
N THR B 302 -5.43 -27.77 -4.33
CA THR B 302 -6.65 -28.41 -4.81
C THR B 302 -7.15 -29.42 -3.78
N VAL B 303 -8.39 -29.24 -3.34
CA VAL B 303 -9.05 -30.08 -2.35
C VAL B 303 -10.28 -30.76 -2.97
N ARG B 304 -10.40 -32.10 -2.77
CA ARG B 304 -11.56 -32.87 -3.18
C ARG B 304 -12.62 -32.70 -2.09
N ILE B 305 -13.85 -32.31 -2.45
CA ILE B 305 -14.91 -32.06 -1.44
C ILE B 305 -15.38 -33.37 -0.79
N ASN B 306 -15.99 -34.32 -1.59
CA ASN B 306 -16.55 -35.60 -1.09
C ASN B 306 -15.44 -36.59 -0.66
N ASP B 307 -14.52 -36.11 0.23
CA ASP B 307 -13.32 -36.76 0.79
C ASP B 307 -13.40 -36.88 2.34
N ILE B 308 -13.06 -38.09 2.87
CA ILE B 308 -13.06 -38.42 4.30
C ILE B 308 -11.65 -38.30 4.89
MG MG C . 5.58 -0.35 -16.75
MG MG D . 9.10 16.86 -13.25
MG MG E . -3.24 0.44 14.78
MG MG F . -6.66 -16.79 11.17
C1 EDO G . -31.86 -18.66 2.66
O1 EDO G . -32.30 -18.79 1.31
C2 EDO G . -32.92 -19.30 3.59
O2 EDO G . -34.16 -18.65 3.42
C1 EDO H . -10.85 -33.55 3.48
O1 EDO H . -9.48 -33.42 3.11
C2 EDO H . -10.99 -34.61 4.58
O2 EDO H . -10.22 -34.25 5.71
#